data_2E3Z
#
_entry.id   2E3Z
#
_cell.length_a   65.760
_cell.length_b   121.970
_cell.length_c   134.600
_cell.angle_alpha   90.00
_cell.angle_beta   90.00
_cell.angle_gamma   90.00
#
_symmetry.space_group_name_H-M   'P 21 21 21'
#
loop_
_entity.id
_entity.type
_entity.pdbx_description
1 polymer Beta-glucosidase
2 water water
#
_entity_poly.entity_id   1
_entity_poly.type   'polypeptide(L)'
_entity_poly.pdbx_seq_one_letter_code
;LALMSAAKLPKSFVWGYATAAYQIEGSPDKDGREPSIWDTFCKAPGKIADGSSGDVATDSYNRWREDVQLLKSYGVKAYR
FSLSWSRIIPKGGRSDPVNGAGIKHYRTLIEELVKEGITPFVTLYHWDLPQALDDRYGGWLNKEEAIQDFTNYAKLCFES
FGDLVQNWITFNEPWVISVMGYGNGIFAPGHVSNTEPWIVSHHIILAHAHAVKLYRDEFKEKQGGQIGITLDSHWLIPYD
DTDASKEATLRAMEFKLGRFANPIYKGEYPPRIKKILGDRLPEFTPEEIELVKGSSDFFGLNTYTTHLVQDGGSDELAGF
VKTGHTRADGTQLGTQSDMGWLQTYGPGFRWLLNYLWKAYDKPVYVTENGFPVKGENDLPVEQAVDDTDRQAYYRDYTEA
LLQAVTEDGADVRGYFGWSLLDNFEWAEGYKVRFGVTHVDYETQKRTPKKSAEFLSRWFKEHIEE
;
_entity_poly.pdbx_strand_id   A,B
#
# COMPACT_ATOMS: atom_id res chain seq x y z
N ALA A 6 -17.49 3.08 -51.34
CA ALA A 6 -17.49 3.17 -49.85
C ALA A 6 -16.59 4.33 -49.39
N ALA A 7 -16.77 4.75 -48.14
CA ALA A 7 -15.98 5.84 -47.59
C ALA A 7 -14.59 5.32 -47.23
N LYS A 8 -13.60 6.19 -47.29
CA LYS A 8 -12.23 5.81 -46.98
C LYS A 8 -11.52 6.83 -46.10
N LEU A 9 -10.65 6.34 -45.25
CA LEU A 9 -9.86 7.19 -44.37
C LEU A 9 -8.77 7.78 -45.27
N PRO A 10 -8.22 8.95 -44.90
CA PRO A 10 -7.18 9.56 -45.74
C PRO A 10 -5.91 8.69 -45.81
N LYS A 11 -5.19 8.85 -46.92
CA LYS A 11 -3.96 8.07 -47.13
C LYS A 11 -2.97 8.18 -45.98
N SER A 12 -3.00 9.29 -45.26
CA SER A 12 -2.11 9.52 -44.13
C SER A 12 -2.43 8.66 -42.90
N PHE A 13 -3.61 8.06 -42.89
CA PHE A 13 -4.03 7.23 -41.76
C PHE A 13 -3.10 6.03 -41.58
N VAL A 14 -2.71 5.75 -40.34
CA VAL A 14 -1.85 4.60 -40.09
C VAL A 14 -2.57 3.54 -39.27
N TRP A 15 -2.32 2.29 -39.62
CA TRP A 15 -2.89 1.16 -38.89
C TRP A 15 -1.82 0.11 -38.69
N GLY A 16 -2.03 -0.75 -37.70
CA GLY A 16 -1.09 -1.80 -37.42
C GLY A 16 -1.49 -2.51 -36.15
N TYR A 17 -0.49 -3.03 -35.43
CA TYR A 17 -0.73 -3.74 -34.18
C TYR A 17 0.16 -3.18 -33.10
N ALA A 18 -0.21 -3.46 -31.85
CA ALA A 18 0.55 -2.99 -30.71
C ALA A 18 0.92 -4.16 -29.80
N THR A 19 2.04 -4.01 -29.09
CA THR A 19 2.53 -4.99 -28.14
C THR A 19 3.20 -4.22 -27.01
N ALA A 20 3.57 -4.93 -25.95
CA ALA A 20 4.27 -4.36 -24.81
C ALA A 20 5.44 -5.30 -24.53
N ALA A 21 6.59 -4.72 -24.17
CA ALA A 21 7.80 -5.50 -23.94
C ALA A 21 7.69 -6.70 -23.01
N TYR A 22 7.21 -6.50 -21.80
CA TYR A 22 7.13 -7.62 -20.87
C TYR A 22 6.15 -8.70 -21.29
N GLN A 23 5.14 -8.32 -22.07
CA GLN A 23 4.14 -9.29 -22.49
C GLN A 23 4.61 -10.24 -23.59
N ILE A 24 5.63 -9.84 -24.34
CA ILE A 24 6.12 -10.67 -25.45
C ILE A 24 7.59 -11.06 -25.50
N GLU A 25 8.46 -10.23 -24.93
CA GLU A 25 9.89 -10.47 -25.04
C GLU A 25 10.59 -11.70 -24.50
N GLY A 26 10.35 -12.04 -23.24
CA GLY A 26 11.07 -13.16 -22.67
C GLY A 26 12.50 -12.67 -22.49
N SER A 27 13.47 -13.58 -22.46
CA SER A 27 14.88 -13.21 -22.28
C SER A 27 15.02 -12.12 -21.22
N PRO A 28 14.48 -12.35 -20.02
CA PRO A 28 14.53 -11.38 -18.92
C PRO A 28 15.91 -10.96 -18.40
N ASP A 29 16.92 -11.80 -18.59
CA ASP A 29 18.25 -11.43 -18.11
C ASP A 29 19.30 -11.54 -19.21
N LYS A 30 18.85 -11.53 -20.46
CA LYS A 30 19.75 -11.61 -21.60
C LYS A 30 20.29 -10.24 -21.98
N ASP A 31 21.50 -10.22 -22.51
CA ASP A 31 22.14 -8.99 -22.96
C ASP A 31 22.14 -7.85 -21.95
N GLY A 32 22.38 -8.17 -20.67
CA GLY A 32 22.44 -7.14 -19.65
C GLY A 32 21.16 -6.67 -19.00
N ARG A 33 20.01 -7.19 -19.40
CA ARG A 33 18.78 -6.72 -18.79
C ARG A 33 18.72 -7.12 -17.32
N GLU A 34 18.25 -6.20 -16.49
CA GLU A 34 18.10 -6.46 -15.07
C GLU A 34 16.60 -6.43 -14.78
N PRO A 35 16.17 -7.00 -13.64
CA PRO A 35 14.75 -7.03 -13.29
C PRO A 35 13.92 -5.75 -13.28
N SER A 36 12.66 -5.90 -13.67
CA SER A 36 11.70 -4.81 -13.64
C SER A 36 10.77 -5.22 -12.50
N ILE A 37 9.90 -4.31 -12.07
CA ILE A 37 8.99 -4.63 -10.98
C ILE A 37 8.04 -5.78 -11.36
N TRP A 38 7.83 -6.00 -12.65
CA TRP A 38 6.97 -7.10 -13.06
C TRP A 38 7.65 -8.45 -12.94
N ASP A 39 8.97 -8.48 -13.12
CA ASP A 39 9.71 -9.73 -12.96
C ASP A 39 9.54 -10.14 -11.50
N THR A 40 9.70 -9.16 -10.61
CA THR A 40 9.58 -9.38 -9.18
C THR A 40 8.17 -9.84 -8.80
N PHE A 41 7.18 -9.14 -9.35
CA PHE A 41 5.78 -9.43 -9.09
C PHE A 41 5.38 -10.86 -9.44
N CYS A 42 5.89 -11.36 -10.56
CA CYS A 42 5.55 -12.71 -11.01
C CYS A 42 6.18 -13.81 -10.17
N LYS A 43 7.06 -13.44 -9.25
CA LYS A 43 7.69 -14.43 -8.39
C LYS A 43 6.98 -14.46 -7.05
N ALA A 44 5.95 -13.63 -6.91
CA ALA A 44 5.15 -13.57 -5.68
C ALA A 44 3.95 -14.49 -5.81
N PRO A 45 3.83 -15.48 -4.91
CA PRO A 45 2.70 -16.41 -4.97
C PRO A 45 1.33 -15.73 -4.94
N GLY A 46 0.41 -16.24 -5.75
CA GLY A 46 -0.94 -15.72 -5.78
C GLY A 46 -1.21 -14.49 -6.61
N LYS A 47 -0.16 -13.82 -7.10
CA LYS A 47 -0.35 -12.62 -7.89
C LYS A 47 -0.76 -12.85 -9.35
N ILE A 48 -0.29 -13.94 -9.94
CA ILE A 48 -0.62 -14.26 -11.33
C ILE A 48 -1.56 -15.47 -11.32
N ALA A 49 -2.73 -15.32 -11.94
CA ALA A 49 -3.75 -16.36 -11.98
C ALA A 49 -3.27 -17.79 -12.24
N ASP A 50 -2.43 -17.97 -13.25
CA ASP A 50 -1.93 -19.31 -13.57
C ASP A 50 -0.50 -19.55 -13.09
N GLY A 51 -0.02 -18.69 -12.20
CA GLY A 51 1.32 -18.84 -11.66
C GLY A 51 2.41 -18.73 -12.71
N SER A 52 2.15 -17.99 -13.78
CA SER A 52 3.10 -17.82 -14.86
C SER A 52 3.88 -16.51 -14.74
N SER A 53 4.70 -16.23 -15.74
CA SER A 53 5.51 -15.01 -15.74
C SER A 53 5.89 -14.68 -17.17
N GLY A 54 6.62 -13.58 -17.33
CA GLY A 54 7.07 -13.18 -18.65
C GLY A 54 8.47 -13.69 -18.94
N ASP A 55 8.90 -14.74 -18.23
CA ASP A 55 10.23 -15.30 -18.44
C ASP A 55 10.49 -15.72 -19.88
N VAL A 56 9.45 -16.22 -20.55
CA VAL A 56 9.60 -16.64 -21.95
C VAL A 56 8.61 -15.93 -22.85
N ALA A 57 7.34 -15.92 -22.46
CA ALA A 57 6.29 -15.27 -23.26
C ALA A 57 6.34 -15.80 -24.68
N THR A 58 6.33 -14.91 -25.67
CA THR A 58 6.39 -15.33 -27.07
C THR A 58 7.83 -15.32 -27.60
N ASP A 59 8.78 -15.21 -26.69
CA ASP A 59 10.21 -15.24 -27.04
C ASP A 59 10.52 -14.22 -28.14
N SER A 60 9.83 -13.09 -28.10
CA SER A 60 9.99 -12.05 -29.11
C SER A 60 11.27 -11.23 -29.07
N TYR A 61 12.03 -11.31 -27.99
CA TYR A 61 13.29 -10.60 -27.95
C TYR A 61 14.20 -11.35 -28.92
N ASN A 62 14.21 -12.67 -28.81
CA ASN A 62 15.03 -13.50 -29.69
C ASN A 62 14.44 -13.61 -31.08
N ARG A 63 13.11 -13.67 -31.17
CA ARG A 63 12.43 -13.81 -32.45
C ARG A 63 11.93 -12.50 -33.03
N TRP A 64 12.60 -11.41 -32.70
CA TRP A 64 12.19 -10.09 -33.18
C TRP A 64 12.10 -10.00 -34.70
N ARG A 65 13.02 -10.64 -35.43
CA ARG A 65 13.01 -10.57 -36.89
C ARG A 65 11.78 -11.25 -37.48
N GLU A 66 11.41 -12.40 -36.93
CA GLU A 66 10.24 -13.11 -37.43
C GLU A 66 8.97 -12.28 -37.19
N ASP A 67 8.92 -11.61 -36.05
CA ASP A 67 7.75 -10.78 -35.73
C ASP A 67 7.65 -9.62 -36.72
N VAL A 68 8.78 -9.03 -37.07
CA VAL A 68 8.76 -7.93 -38.04
C VAL A 68 8.30 -8.45 -39.39
N GLN A 69 8.77 -9.65 -39.77
CA GLN A 69 8.37 -10.24 -41.04
C GLN A 69 6.86 -10.54 -41.03
N LEU A 70 6.34 -10.93 -39.88
CA LEU A 70 4.90 -11.22 -39.75
C LEU A 70 4.13 -9.92 -39.97
N LEU A 71 4.56 -8.85 -39.31
CA LEU A 71 3.91 -7.55 -39.45
C LEU A 71 3.89 -7.13 -40.92
N LYS A 72 5.02 -7.31 -41.60
CA LYS A 72 5.12 -6.94 -43.01
C LYS A 72 4.17 -7.80 -43.84
N SER A 73 4.08 -9.08 -43.52
CA SER A 73 3.19 -9.97 -44.27
C SER A 73 1.73 -9.54 -44.10
N TYR A 74 1.43 -8.89 -42.99
CA TYR A 74 0.07 -8.42 -42.71
C TYR A 74 -0.23 -7.08 -43.39
N GLY A 75 0.80 -6.47 -43.97
CA GLY A 75 0.62 -5.20 -44.65
C GLY A 75 0.40 -3.99 -43.75
N VAL A 76 0.83 -4.08 -42.50
CA VAL A 76 0.63 -2.94 -41.60
C VAL A 76 1.41 -1.71 -42.05
N LYS A 77 0.94 -0.54 -41.63
CA LYS A 77 1.63 0.69 -41.96
C LYS A 77 2.46 1.12 -40.76
N ALA A 78 2.11 0.61 -39.59
CA ALA A 78 2.82 0.97 -38.36
C ALA A 78 2.84 -0.16 -37.34
N TYR A 79 3.76 -0.06 -36.39
CA TYR A 79 3.88 -1.05 -35.32
C TYR A 79 4.16 -0.31 -34.03
N ARG A 80 3.29 -0.52 -33.04
CA ARG A 80 3.48 0.11 -31.74
C ARG A 80 4.05 -0.93 -30.79
N PHE A 81 5.16 -0.60 -30.15
CA PHE A 81 5.79 -1.51 -29.20
C PHE A 81 6.42 -0.67 -28.10
N SER A 82 6.79 -1.30 -26.98
CA SER A 82 7.39 -0.55 -25.89
C SER A 82 8.84 -0.96 -25.66
N LEU A 83 9.58 -0.09 -24.99
CA LEU A 83 10.96 -0.33 -24.67
C LEU A 83 11.09 -0.76 -23.22
N SER A 84 11.84 -1.82 -22.96
CA SER A 84 12.06 -2.25 -21.60
C SER A 84 13.16 -1.36 -21.03
N TRP A 85 12.77 -0.45 -20.14
CA TRP A 85 13.68 0.49 -19.50
C TRP A 85 14.90 -0.23 -18.92
N SER A 86 14.69 -1.37 -18.26
CA SER A 86 15.80 -2.09 -17.66
C SER A 86 16.71 -2.84 -18.64
N ARG A 87 16.47 -2.66 -19.93
CA ARG A 87 17.35 -3.25 -20.95
C ARG A 87 18.26 -2.12 -21.43
N ILE A 88 17.78 -0.89 -21.30
CA ILE A 88 18.49 0.30 -21.73
C ILE A 88 19.37 0.88 -20.63
N ILE A 89 18.82 1.01 -19.43
CA ILE A 89 19.56 1.45 -18.25
C ILE A 89 19.09 0.40 -17.26
N PRO A 90 19.81 -0.73 -17.15
CA PRO A 90 19.44 -1.82 -16.24
C PRO A 90 18.93 -1.44 -14.86
N LYS A 91 19.63 -0.56 -14.16
CA LYS A 91 19.19 -0.14 -12.84
C LYS A 91 18.24 1.05 -12.93
N GLY A 92 18.15 1.62 -14.13
CA GLY A 92 17.24 2.71 -14.41
C GLY A 92 17.57 4.17 -14.17
N GLY A 93 18.46 4.44 -13.22
CA GLY A 93 18.80 5.81 -12.89
C GLY A 93 19.71 6.60 -13.81
N ARG A 94 19.66 7.93 -13.64
CA ARG A 94 20.44 8.85 -14.45
C ARG A 94 21.95 8.72 -14.25
N SER A 95 22.35 8.06 -13.18
CA SER A 95 23.78 7.86 -12.91
C SER A 95 24.18 6.40 -12.97
N ASP A 96 23.26 5.53 -13.40
CA ASP A 96 23.53 4.12 -13.52
C ASP A 96 24.13 3.79 -14.90
N PRO A 97 24.85 2.67 -15.00
CA PRO A 97 25.46 2.28 -16.28
C PRO A 97 24.43 2.07 -17.39
N VAL A 98 24.74 2.59 -18.57
CA VAL A 98 23.87 2.44 -19.73
C VAL A 98 24.27 1.14 -20.42
N ASN A 99 23.28 0.40 -20.92
CA ASN A 99 23.53 -0.89 -21.56
C ASN A 99 23.49 -0.82 -23.09
N GLY A 100 24.67 -0.74 -23.70
CA GLY A 100 24.74 -0.64 -25.15
C GLY A 100 24.08 -1.78 -25.91
N ALA A 101 24.16 -3.00 -25.39
CA ALA A 101 23.56 -4.16 -26.06
C ALA A 101 22.05 -4.03 -26.13
N GLY A 102 21.45 -3.54 -25.06
CA GLY A 102 20.00 -3.37 -25.03
C GLY A 102 19.57 -2.29 -26.01
N ILE A 103 20.32 -1.19 -26.02
CA ILE A 103 20.00 -0.10 -26.93
C ILE A 103 20.15 -0.58 -28.38
N LYS A 104 21.21 -1.33 -28.65
CA LYS A 104 21.44 -1.84 -30.00
C LYS A 104 20.33 -2.78 -30.46
N HIS A 105 19.82 -3.59 -29.54
CA HIS A 105 18.74 -4.52 -29.88
C HIS A 105 17.55 -3.72 -30.43
N TYR A 106 17.15 -2.67 -29.71
CA TYR A 106 16.01 -1.88 -30.16
C TYR A 106 16.35 -1.07 -31.41
N ARG A 107 17.59 -0.61 -31.52
CA ARG A 107 18.00 0.16 -32.69
C ARG A 107 17.86 -0.72 -33.93
N THR A 108 18.35 -1.95 -33.85
CA THR A 108 18.30 -2.90 -34.94
C THR A 108 16.86 -3.25 -35.31
N LEU A 109 16.00 -3.38 -34.31
CA LEU A 109 14.59 -3.69 -34.53
C LEU A 109 13.95 -2.54 -35.31
N ILE A 110 14.18 -1.31 -34.83
CA ILE A 110 13.63 -0.14 -35.47
C ILE A 110 14.14 0.01 -36.90
N GLU A 111 15.41 -0.30 -37.12
CA GLU A 111 15.98 -0.21 -38.45
C GLU A 111 15.34 -1.21 -39.40
N GLU A 112 14.94 -2.37 -38.88
CA GLU A 112 14.30 -3.38 -39.72
C GLU A 112 12.90 -2.88 -40.09
N LEU A 113 12.21 -2.24 -39.16
CA LEU A 113 10.89 -1.69 -39.44
C LEU A 113 11.03 -0.65 -40.54
N VAL A 114 12.06 0.20 -40.44
CA VAL A 114 12.31 1.22 -41.45
C VAL A 114 12.56 0.59 -42.82
N LYS A 115 13.38 -0.46 -42.84
CA LYS A 115 13.69 -1.16 -44.09
C LYS A 115 12.44 -1.77 -44.71
N GLU A 116 11.50 -2.18 -43.87
CA GLU A 116 10.25 -2.80 -44.32
C GLU A 116 9.15 -1.78 -44.61
N GLY A 117 9.41 -0.51 -44.30
CA GLY A 117 8.43 0.53 -44.55
C GLY A 117 7.34 0.63 -43.50
N ILE A 118 7.62 0.14 -42.30
CA ILE A 118 6.66 0.18 -41.21
C ILE A 118 7.05 1.30 -40.24
N THR A 119 6.08 2.16 -39.92
CA THR A 119 6.32 3.29 -39.03
C THR A 119 6.34 2.87 -37.57
N PRO A 120 7.45 3.09 -36.87
CA PRO A 120 7.49 2.69 -35.46
C PRO A 120 6.81 3.70 -34.52
N PHE A 121 5.97 3.18 -33.63
CA PHE A 121 5.32 3.99 -32.62
C PHE A 121 5.90 3.42 -31.35
N VAL A 122 6.72 4.21 -30.66
CA VAL A 122 7.41 3.72 -29.48
C VAL A 122 6.91 4.23 -28.13
N THR A 123 6.53 3.29 -27.28
CA THR A 123 6.07 3.57 -25.93
C THR A 123 7.28 3.49 -25.00
N LEU A 124 7.59 4.59 -24.31
CA LEU A 124 8.74 4.60 -23.41
C LEU A 124 8.48 3.77 -22.16
N TYR A 125 7.29 3.91 -21.59
CA TYR A 125 6.96 3.18 -20.37
C TYR A 125 5.67 2.39 -20.41
N HIS A 126 5.80 1.06 -20.48
CA HIS A 126 4.63 0.21 -20.47
C HIS A 126 4.67 -0.71 -19.25
N TRP A 127 4.76 -0.06 -18.08
CA TRP A 127 4.69 -0.68 -16.76
C TRP A 127 5.89 -1.38 -16.14
N ASP A 128 6.95 -1.58 -16.92
CA ASP A 128 8.12 -2.29 -16.42
C ASP A 128 9.23 -1.43 -15.81
N LEU A 129 8.90 -0.74 -14.73
CA LEU A 129 9.87 0.09 -14.02
C LEU A 129 11.03 -0.77 -13.55
N PRO A 130 12.28 -0.29 -13.70
CA PRO A 130 13.41 -1.10 -13.23
C PRO A 130 13.27 -1.34 -11.73
N GLN A 131 13.45 -2.58 -11.30
CA GLN A 131 13.31 -2.92 -9.88
C GLN A 131 14.26 -2.10 -9.00
N ALA A 132 15.44 -1.79 -9.51
CA ALA A 132 16.40 -1.01 -8.74
C ALA A 132 15.84 0.34 -8.29
N LEU A 133 15.01 0.96 -9.12
CA LEU A 133 14.44 2.26 -8.76
C LEU A 133 13.38 2.13 -7.68
N ASP A 134 12.70 0.98 -7.64
CA ASP A 134 11.68 0.77 -6.62
C ASP A 134 12.42 0.60 -5.29
N ASP A 135 13.51 -0.17 -5.30
CA ASP A 135 14.28 -0.38 -4.07
C ASP A 135 15.00 0.89 -3.61
N ARG A 136 15.48 1.67 -4.59
CA ARG A 136 16.23 2.88 -4.28
C ARG A 136 15.43 4.01 -3.66
N TYR A 137 14.27 4.31 -4.23
CA TYR A 137 13.44 5.40 -3.72
C TYR A 137 11.94 5.21 -3.85
N GLY A 138 11.52 3.98 -4.18
CA GLY A 138 10.10 3.72 -4.31
C GLY A 138 9.52 4.10 -5.66
N GLY A 139 10.38 4.19 -6.67
CA GLY A 139 9.91 4.54 -8.00
C GLY A 139 9.09 5.81 -8.09
N TRP A 140 7.90 5.69 -8.69
CA TRP A 140 6.99 6.82 -8.88
C TRP A 140 6.55 7.53 -7.60
N LEU A 141 6.82 6.92 -6.46
CA LEU A 141 6.43 7.51 -5.19
C LEU A 141 7.32 8.69 -4.79
N ASN A 142 8.49 8.79 -5.40
CA ASN A 142 9.41 9.90 -5.10
C ASN A 142 9.40 10.88 -6.27
N LYS A 143 8.78 12.03 -6.03
CA LYS A 143 8.63 13.07 -7.06
C LYS A 143 9.90 13.46 -7.81
N GLU A 144 10.85 14.06 -7.09
CA GLU A 144 12.08 14.52 -7.72
C GLU A 144 12.94 13.46 -8.38
N GLU A 145 13.12 12.31 -7.72
CA GLU A 145 13.95 11.26 -8.29
C GLU A 145 13.31 10.62 -9.53
N ALA A 146 12.02 10.31 -9.44
CA ALA A 146 11.32 9.68 -10.57
C ALA A 146 11.28 10.60 -11.79
N ILE A 147 11.02 11.88 -11.57
CA ILE A 147 10.97 12.83 -12.68
C ILE A 147 12.34 12.93 -13.35
N GLN A 148 13.39 13.07 -12.56
CA GLN A 148 14.72 13.18 -13.12
C GLN A 148 15.15 11.91 -13.86
N ASP A 149 14.87 10.74 -13.27
CA ASP A 149 15.26 9.51 -13.93
C ASP A 149 14.44 9.22 -15.19
N PHE A 150 13.14 9.50 -15.16
CA PHE A 150 12.35 9.24 -16.35
C PHE A 150 12.76 10.20 -17.47
N THR A 151 13.00 11.46 -17.13
CA THR A 151 13.40 12.44 -18.13
C THR A 151 14.73 12.04 -18.76
N ASN A 152 15.67 11.56 -17.94
CA ASN A 152 16.96 11.14 -18.46
C ASN A 152 16.80 9.94 -19.38
N TYR A 153 15.94 9.01 -18.99
CA TYR A 153 15.66 7.82 -19.79
C TYR A 153 15.05 8.25 -21.13
N ALA A 154 14.09 9.16 -21.07
CA ALA A 154 13.45 9.64 -22.29
C ALA A 154 14.51 10.27 -23.20
N LYS A 155 15.36 11.12 -22.63
CA LYS A 155 16.41 11.78 -23.39
C LYS A 155 17.31 10.77 -24.09
N LEU A 156 17.72 9.74 -23.36
CA LEU A 156 18.58 8.71 -23.93
C LEU A 156 17.89 8.02 -25.10
N CYS A 157 16.58 7.81 -24.98
CA CYS A 157 15.84 7.17 -26.06
C CYS A 157 15.74 8.08 -27.28
N PHE A 158 15.52 9.37 -27.06
CA PHE A 158 15.43 10.31 -28.18
C PHE A 158 16.77 10.35 -28.90
N GLU A 159 17.86 10.31 -28.14
CA GLU A 159 19.20 10.35 -28.73
C GLU A 159 19.54 9.07 -29.47
N SER A 160 19.14 7.93 -28.89
CA SER A 160 19.44 6.63 -29.45
C SER A 160 18.62 6.18 -30.64
N PHE A 161 17.36 6.63 -30.69
CA PHE A 161 16.45 6.19 -31.75
C PHE A 161 15.71 7.30 -32.51
N GLY A 162 15.79 8.53 -32.00
CA GLY A 162 15.08 9.66 -32.57
C GLY A 162 15.24 10.04 -34.03
N ASP A 163 16.35 9.64 -34.66
CA ASP A 163 16.54 9.97 -36.06
C ASP A 163 15.75 9.03 -36.96
N LEU A 164 15.17 7.98 -36.36
CA LEU A 164 14.37 7.01 -37.10
C LEU A 164 12.92 6.95 -36.60
N VAL A 165 12.71 7.34 -35.34
CA VAL A 165 11.38 7.33 -34.73
C VAL A 165 10.80 8.74 -34.69
N GLN A 166 9.56 8.89 -35.16
CA GLN A 166 8.89 10.19 -35.17
C GLN A 166 7.55 10.17 -34.44
N ASN A 167 7.25 9.08 -33.75
CA ASN A 167 6.00 8.94 -33.01
C ASN A 167 6.30 8.31 -31.66
N TRP A 168 6.23 9.13 -30.62
CA TRP A 168 6.52 8.70 -29.26
C TRP A 168 5.34 8.76 -28.31
N ILE A 169 5.29 7.79 -27.40
CA ILE A 169 4.27 7.74 -26.38
C ILE A 169 5.05 7.65 -25.07
N THR A 170 4.80 8.58 -24.15
CA THR A 170 5.52 8.57 -22.88
C THR A 170 5.08 7.42 -21.99
N PHE A 171 3.80 7.44 -21.59
CA PHE A 171 3.24 6.43 -20.71
C PHE A 171 2.04 5.71 -21.29
N ASN A 172 1.96 4.42 -20.99
CA ASN A 172 0.81 3.64 -21.41
C ASN A 172 -0.08 3.47 -20.18
N GLU A 173 -1.29 4.00 -20.26
CA GLU A 173 -2.30 3.86 -19.22
C GLU A 173 -1.92 4.17 -17.78
N PRO A 174 -1.69 5.45 -17.46
CA PRO A 174 -1.34 5.81 -16.08
C PRO A 174 -2.46 5.43 -15.09
N TRP A 175 -3.69 5.29 -15.59
CA TRP A 175 -4.79 4.90 -14.72
C TRP A 175 -4.49 3.50 -14.17
N VAL A 176 -4.04 2.60 -15.06
CA VAL A 176 -3.71 1.24 -14.64
C VAL A 176 -2.50 1.24 -13.74
N ILE A 177 -1.45 1.94 -14.16
CA ILE A 177 -0.22 2.02 -13.39
C ILE A 177 -0.52 2.41 -11.94
N SER A 178 -1.35 3.44 -11.78
CA SER A 178 -1.71 3.93 -10.46
C SER A 178 -2.74 3.10 -9.68
N VAL A 179 -3.90 2.87 -10.28
CA VAL A 179 -4.96 2.12 -9.61
C VAL A 179 -4.64 0.67 -9.32
N MET A 180 -4.20 -0.06 -10.33
CA MET A 180 -3.88 -1.48 -10.17
C MET A 180 -2.53 -1.73 -9.51
N GLY A 181 -1.57 -0.82 -9.71
CA GLY A 181 -0.26 -1.02 -9.11
C GLY A 181 -0.11 -0.47 -7.71
N TYR A 182 -0.87 0.56 -7.36
CA TYR A 182 -0.75 1.17 -6.04
C TYR A 182 -2.05 1.33 -5.25
N GLY A 183 -3.18 1.13 -5.92
CA GLY A 183 -4.46 1.27 -5.24
C GLY A 183 -4.98 -0.03 -4.67
N ASN A 184 -5.13 -1.04 -5.53
CA ASN A 184 -5.64 -2.34 -5.09
C ASN A 184 -4.60 -3.47 -5.16
N GLY A 185 -3.38 -3.12 -5.56
CA GLY A 185 -2.29 -4.09 -5.61
C GLY A 185 -2.42 -5.28 -6.54
N ILE A 186 -3.33 -5.22 -7.50
CA ILE A 186 -3.54 -6.32 -8.43
C ILE A 186 -2.38 -6.45 -9.43
N PHE A 187 -1.75 -5.33 -9.77
CA PHE A 187 -0.61 -5.30 -10.69
C PHE A 187 0.64 -4.84 -9.95
N ALA A 188 1.81 -5.05 -10.54
CA ALA A 188 3.08 -4.64 -9.93
C ALA A 188 3.04 -3.11 -9.70
N PRO A 189 3.65 -2.64 -8.60
CA PRO A 189 4.38 -3.37 -7.57
C PRO A 189 3.55 -3.98 -6.44
N GLY A 190 2.24 -4.08 -6.64
CA GLY A 190 1.38 -4.70 -5.64
C GLY A 190 1.08 -3.89 -4.38
N HIS A 191 1.10 -2.57 -4.49
CA HIS A 191 0.81 -1.73 -3.33
C HIS A 191 -0.69 -1.51 -3.17
N VAL A 192 -1.11 -1.29 -1.93
CA VAL A 192 -2.51 -1.04 -1.60
C VAL A 192 -2.51 0.20 -0.70
N SER A 193 -3.18 1.26 -1.16
CA SER A 193 -3.21 2.51 -0.42
C SER A 193 -4.29 3.45 -0.92
N ASN A 194 -4.77 4.34 -0.05
CA ASN A 194 -5.77 5.32 -0.45
C ASN A 194 -5.05 6.64 -0.77
N THR A 195 -3.72 6.59 -0.76
CA THR A 195 -2.92 7.77 -1.02
C THR A 195 -1.92 7.59 -2.17
N GLU A 196 -1.21 6.47 -2.19
CA GLU A 196 -0.22 6.23 -3.24
C GLU A 196 -0.73 6.31 -4.69
N PRO A 197 -1.93 5.77 -4.98
CA PRO A 197 -2.34 5.88 -6.39
C PRO A 197 -2.42 7.32 -6.89
N TRP A 198 -2.86 8.24 -6.04
CA TRP A 198 -3.00 9.63 -6.42
C TRP A 198 -1.64 10.33 -6.52
N ILE A 199 -0.70 9.92 -5.67
CA ILE A 199 0.65 10.46 -5.69
C ILE A 199 1.37 9.99 -6.95
N VAL A 200 1.27 8.69 -7.23
CA VAL A 200 1.91 8.13 -8.41
C VAL A 200 1.37 8.79 -9.68
N SER A 201 0.06 9.01 -9.72
CA SER A 201 -0.57 9.66 -10.88
C SER A 201 -0.01 11.06 -11.07
N HIS A 202 0.11 11.79 -9.97
CA HIS A 202 0.62 13.16 -9.98
C HIS A 202 2.03 13.19 -10.53
N HIS A 203 2.89 12.32 -9.99
CA HIS A 203 4.28 12.26 -10.41
C HIS A 203 4.46 11.80 -11.85
N ILE A 204 3.57 10.92 -12.33
CA ILE A 204 3.65 10.45 -13.70
C ILE A 204 3.23 11.58 -14.65
N ILE A 205 2.22 12.34 -14.27
CA ILE A 205 1.78 13.47 -15.09
C ILE A 205 2.96 14.44 -15.24
N LEU A 206 3.67 14.68 -14.14
CA LEU A 206 4.82 15.59 -14.17
C LEU A 206 5.99 15.00 -14.97
N ALA A 207 6.28 13.72 -14.77
CA ALA A 207 7.37 13.08 -15.50
C ALA A 207 7.06 13.15 -16.99
N HIS A 208 5.81 12.88 -17.32
CA HIS A 208 5.36 12.94 -18.70
C HIS A 208 5.62 14.34 -19.28
N ALA A 209 5.17 15.37 -18.55
CA ALA A 209 5.33 16.75 -19.00
C ALA A 209 6.79 17.16 -19.18
N HIS A 210 7.65 16.70 -18.29
CA HIS A 210 9.07 17.02 -18.40
C HIS A 210 9.68 16.38 -19.63
N ALA A 211 9.29 15.14 -19.91
CA ALA A 211 9.81 14.44 -21.07
C ALA A 211 9.32 15.11 -22.35
N VAL A 212 8.07 15.58 -22.34
CA VAL A 212 7.51 16.24 -23.50
C VAL A 212 8.20 17.59 -23.77
N LYS A 213 8.45 18.36 -22.71
CA LYS A 213 9.13 19.64 -22.87
C LYS A 213 10.52 19.40 -23.43
N LEU A 214 11.20 18.39 -22.89
CA LEU A 214 12.55 18.04 -23.35
C LEU A 214 12.51 17.71 -24.84
N TYR A 215 11.57 16.87 -25.23
CA TYR A 215 11.46 16.49 -26.64
C TYR A 215 11.23 17.71 -27.53
N ARG A 216 10.22 18.50 -27.18
CA ARG A 216 9.90 19.70 -27.96
C ARG A 216 11.04 20.69 -28.04
N ASP A 217 11.74 20.90 -26.91
CA ASP A 217 12.83 21.87 -26.86
C ASP A 217 14.16 21.44 -27.48
N GLU A 218 14.48 20.15 -27.37
CA GLU A 218 15.77 19.67 -27.86
C GLU A 218 15.79 18.66 -29.01
N PHE A 219 14.65 18.08 -29.35
CA PHE A 219 14.65 17.06 -30.40
C PHE A 219 13.61 17.20 -31.52
N LYS A 220 12.46 17.79 -31.22
CA LYS A 220 11.39 17.89 -32.18
C LYS A 220 11.69 18.58 -33.50
N GLU A 221 12.37 19.72 -33.45
CA GLU A 221 12.68 20.42 -34.69
C GLU A 221 13.66 19.66 -35.57
N LYS A 222 14.67 19.03 -34.97
CA LYS A 222 15.65 18.30 -35.76
C LYS A 222 15.19 16.90 -36.18
N GLN A 223 14.34 16.27 -35.37
CA GLN A 223 13.87 14.92 -35.68
C GLN A 223 12.50 14.89 -36.37
N GLY A 224 11.76 15.98 -36.26
CA GLY A 224 10.45 16.08 -36.89
C GLY A 224 9.36 15.12 -36.45
N GLY A 225 9.37 14.75 -35.18
CA GLY A 225 8.35 13.84 -34.69
C GLY A 225 7.33 14.49 -33.77
N GLN A 226 6.53 13.66 -33.13
CA GLN A 226 5.51 14.12 -32.20
C GLN A 226 5.51 13.21 -30.99
N ILE A 227 5.01 13.71 -29.87
CA ILE A 227 5.00 12.93 -28.64
C ILE A 227 3.70 13.13 -27.87
N GLY A 228 3.16 12.04 -27.33
CA GLY A 228 1.92 12.12 -26.58
C GLY A 228 1.85 11.08 -25.49
N ILE A 229 0.69 10.98 -24.85
CA ILE A 229 0.47 10.01 -23.79
C ILE A 229 -0.74 9.16 -24.16
N THR A 230 -0.73 7.91 -23.75
CA THR A 230 -1.83 6.99 -24.02
C THR A 230 -2.66 6.80 -22.76
N LEU A 231 -3.94 7.16 -22.86
CA LEU A 231 -4.86 7.04 -21.74
C LEU A 231 -5.95 6.04 -22.09
N ASP A 232 -6.34 5.22 -21.12
CA ASP A 232 -7.39 4.24 -21.38
C ASP A 232 -8.74 4.78 -20.91
N SER A 233 -9.79 4.42 -21.64
CA SER A 233 -11.13 4.85 -21.29
C SER A 233 -12.16 3.98 -21.99
N HIS A 234 -13.25 3.68 -21.29
CA HIS A 234 -14.35 2.91 -21.87
C HIS A 234 -15.29 4.03 -22.29
N TRP A 235 -16.38 3.67 -22.96
CA TRP A 235 -17.39 4.68 -23.25
C TRP A 235 -18.33 4.42 -22.07
N LEU A 236 -18.80 5.47 -21.42
CA LEU A 236 -19.68 5.30 -20.27
C LEU A 236 -21.08 5.83 -20.55
N ILE A 237 -22.08 5.02 -20.19
CA ILE A 237 -23.49 5.36 -20.38
C ILE A 237 -24.22 5.31 -19.05
N PRO A 238 -25.07 6.31 -18.76
CA PRO A 238 -25.81 6.31 -17.50
C PRO A 238 -26.75 5.11 -17.44
N TYR A 239 -26.79 4.43 -16.30
CA TYR A 239 -27.65 3.25 -16.11
C TYR A 239 -29.11 3.57 -16.43
N ASP A 240 -29.54 4.77 -16.05
CA ASP A 240 -30.90 5.23 -16.32
C ASP A 240 -30.88 6.74 -16.50
N ASP A 241 -32.04 7.36 -16.64
CA ASP A 241 -32.09 8.80 -16.86
C ASP A 241 -32.20 9.68 -15.61
N THR A 242 -31.94 9.12 -14.44
CA THR A 242 -32.01 9.90 -13.21
C THR A 242 -30.79 10.81 -13.08
N ASP A 243 -30.95 11.92 -12.38
CA ASP A 243 -29.85 12.86 -12.19
C ASP A 243 -28.66 12.16 -11.54
N ALA A 244 -28.95 11.28 -10.58
CA ALA A 244 -27.90 10.56 -9.87
C ALA A 244 -27.05 9.71 -10.83
N SER A 245 -27.70 9.09 -11.81
CA SER A 245 -26.99 8.26 -12.78
C SER A 245 -26.15 9.11 -13.73
N LYS A 246 -26.71 10.23 -14.17
CA LYS A 246 -25.98 11.13 -15.06
C LYS A 246 -24.76 11.69 -14.35
N GLU A 247 -24.95 12.13 -13.11
CA GLU A 247 -23.85 12.68 -12.32
C GLU A 247 -22.79 11.61 -12.03
N ALA A 248 -23.25 10.39 -11.77
CA ALA A 248 -22.33 9.28 -11.49
C ALA A 248 -21.45 9.00 -12.71
N THR A 249 -22.04 9.13 -13.89
CA THR A 249 -21.33 8.89 -15.12
C THR A 249 -20.24 9.95 -15.31
N LEU A 250 -20.57 11.20 -15.04
CA LEU A 250 -19.59 12.28 -15.16
C LEU A 250 -18.48 12.06 -14.14
N ARG A 251 -18.86 11.64 -12.94
CA ARG A 251 -17.89 11.40 -11.87
C ARG A 251 -16.97 10.24 -12.27
N ALA A 252 -17.56 9.19 -12.84
CA ALA A 252 -16.78 8.04 -13.26
C ALA A 252 -15.76 8.43 -14.32
N MET A 253 -16.18 9.29 -15.25
CA MET A 253 -15.27 9.75 -16.31
C MET A 253 -14.10 10.53 -15.72
N GLU A 254 -14.35 11.31 -14.67
CA GLU A 254 -13.27 12.08 -14.05
C GLU A 254 -12.25 11.15 -13.43
N PHE A 255 -12.73 10.12 -12.72
CA PHE A 255 -11.84 9.19 -12.04
C PHE A 255 -11.08 8.27 -12.98
N LYS A 256 -11.64 8.00 -14.16
CA LYS A 256 -10.95 7.13 -15.11
C LYS A 256 -10.04 7.92 -16.03
N LEU A 257 -10.60 8.96 -16.64
CA LEU A 257 -9.89 9.77 -17.64
C LEU A 257 -9.63 11.24 -17.32
N GLY A 258 -10.65 11.94 -16.87
CA GLY A 258 -10.51 13.37 -16.58
C GLY A 258 -9.36 13.77 -15.70
N ARG A 259 -9.05 12.96 -14.70
CA ARG A 259 -7.97 13.29 -13.78
C ARG A 259 -6.59 13.27 -14.43
N PHE A 260 -6.52 12.77 -15.66
CA PHE A 260 -5.27 12.75 -16.42
C PHE A 260 -5.38 13.70 -17.60
N ALA A 261 -6.48 13.60 -18.33
CA ALA A 261 -6.70 14.43 -19.52
C ALA A 261 -6.93 15.90 -19.25
N ASN A 262 -7.65 16.24 -18.18
CA ASN A 262 -7.87 17.66 -17.93
C ASN A 262 -6.56 18.39 -17.64
N PRO A 263 -5.71 17.82 -16.77
CA PRO A 263 -4.45 18.53 -16.50
C PRO A 263 -3.57 18.66 -17.75
N ILE A 264 -3.39 17.55 -18.46
CA ILE A 264 -2.55 17.51 -19.65
C ILE A 264 -3.05 18.31 -20.85
N TYR A 265 -4.36 18.31 -21.10
CA TYR A 265 -4.91 19.03 -22.24
C TYR A 265 -5.51 20.39 -21.89
N LYS A 266 -6.04 20.53 -20.68
CA LYS A 266 -6.68 21.79 -20.29
C LYS A 266 -5.98 22.64 -19.23
N GLY A 267 -5.15 22.02 -18.39
CA GLY A 267 -4.43 22.81 -17.39
C GLY A 267 -4.66 22.62 -15.91
N GLU A 268 -5.54 21.71 -15.50
CA GLU A 268 -5.75 21.50 -14.07
C GLU A 268 -6.58 20.25 -13.81
N TYR A 269 -6.62 19.83 -12.55
CA TYR A 269 -7.41 18.66 -12.16
C TYR A 269 -8.89 19.05 -12.21
N PRO A 270 -9.76 18.09 -12.55
CA PRO A 270 -11.20 18.37 -12.61
C PRO A 270 -11.75 18.58 -11.19
N PRO A 271 -12.91 19.25 -11.07
CA PRO A 271 -13.56 19.55 -9.80
C PRO A 271 -14.00 18.44 -8.84
N ARG A 272 -14.68 17.43 -9.35
CA ARG A 272 -15.17 16.35 -8.48
C ARG A 272 -14.09 15.59 -7.72
N ILE A 273 -13.04 15.18 -8.42
CA ILE A 273 -11.98 14.43 -7.75
C ILE A 273 -11.24 15.28 -6.72
N LYS A 274 -11.10 16.56 -6.98
CA LYS A 274 -10.41 17.44 -6.04
C LYS A 274 -11.20 17.54 -4.74
N LYS A 275 -12.53 17.62 -4.86
CA LYS A 275 -13.39 17.72 -3.69
C LYS A 275 -13.40 16.42 -2.89
N ILE A 276 -13.51 15.30 -3.60
CA ILE A 276 -13.55 13.99 -2.95
C ILE A 276 -12.26 13.52 -2.28
N LEU A 277 -11.13 13.70 -2.95
CA LEU A 277 -9.86 13.26 -2.40
C LEU A 277 -9.19 14.24 -1.43
N GLY A 278 -9.60 15.50 -1.50
CA GLY A 278 -9.03 16.50 -0.61
C GLY A 278 -7.52 16.57 -0.68
N ASP A 279 -6.87 16.55 0.48
CA ASP A 279 -5.42 16.65 0.56
C ASP A 279 -4.68 15.37 0.17
N ARG A 280 -5.41 14.37 -0.30
CA ARG A 280 -4.77 13.14 -0.73
C ARG A 280 -4.42 13.30 -2.21
N LEU A 281 -4.99 14.32 -2.84
CA LEU A 281 -4.71 14.64 -4.23
C LEU A 281 -3.73 15.80 -4.20
N PRO A 282 -2.48 15.56 -4.65
CA PRO A 282 -1.46 16.63 -4.65
C PRO A 282 -1.86 17.85 -5.44
N GLU A 283 -1.27 18.99 -5.09
CA GLU A 283 -1.55 20.26 -5.76
C GLU A 283 -0.38 20.65 -6.66
N PHE A 284 -0.70 20.99 -7.90
CA PHE A 284 0.33 21.43 -8.84
C PHE A 284 0.74 22.85 -8.45
N THR A 285 2.02 23.17 -8.62
CA THR A 285 2.49 24.52 -8.34
C THR A 285 2.22 25.28 -9.63
N PRO A 286 2.29 26.62 -9.60
CA PRO A 286 2.03 27.40 -10.82
C PRO A 286 2.93 27.00 -11.98
N GLU A 287 4.21 26.77 -11.70
CA GLU A 287 5.15 26.38 -12.75
C GLU A 287 4.83 24.98 -13.28
N GLU A 288 4.36 24.09 -12.42
CA GLU A 288 4.01 22.74 -12.86
C GLU A 288 2.78 22.78 -13.75
N ILE A 289 1.79 23.59 -13.37
CA ILE A 289 0.56 23.73 -14.13
C ILE A 289 0.90 24.18 -15.55
N GLU A 290 1.80 25.15 -15.65
CA GLU A 290 2.24 25.69 -16.92
C GLU A 290 2.93 24.62 -17.76
N LEU A 291 3.77 23.82 -17.11
CA LEU A 291 4.50 22.75 -17.77
C LEU A 291 3.58 21.64 -18.29
N VAL A 292 2.62 21.25 -17.45
CA VAL A 292 1.69 20.18 -17.77
C VAL A 292 0.61 20.55 -18.80
N LYS A 293 0.09 21.77 -18.71
CA LYS A 293 -0.95 22.22 -19.64
C LYS A 293 -0.48 22.19 -21.10
N GLY A 294 -1.22 21.46 -21.93
CA GLY A 294 -0.89 21.34 -23.33
C GLY A 294 0.32 20.49 -23.62
N SER A 295 0.58 19.50 -22.77
CA SER A 295 1.75 18.64 -22.91
C SER A 295 1.58 17.34 -23.70
N SER A 296 0.68 17.31 -24.68
CA SER A 296 0.52 16.11 -25.50
C SER A 296 0.17 16.51 -26.93
N ASP A 297 1.03 16.13 -27.87
CA ASP A 297 0.82 16.47 -29.29
C ASP A 297 -0.38 15.76 -29.90
N PHE A 298 -0.68 14.57 -29.39
CA PHE A 298 -1.81 13.80 -29.90
C PHE A 298 -2.43 13.03 -28.77
N PHE A 299 -3.68 12.63 -28.93
CA PHE A 299 -4.37 11.89 -27.89
C PHE A 299 -4.27 10.39 -28.13
N GLY A 300 -3.41 9.73 -27.36
CA GLY A 300 -3.29 8.29 -27.47
C GLY A 300 -4.44 7.68 -26.68
N LEU A 301 -5.18 6.76 -27.30
CA LEU A 301 -6.32 6.13 -26.64
C LEU A 301 -6.33 4.61 -26.69
N ASN A 302 -6.53 3.99 -25.53
CA ASN A 302 -6.67 2.55 -25.45
C ASN A 302 -8.12 2.35 -25.02
N THR A 303 -8.89 1.60 -25.80
CA THR A 303 -10.28 1.38 -25.45
C THR A 303 -10.71 0.00 -25.92
N TYR A 304 -11.64 -0.60 -25.19
CA TYR A 304 -12.10 -1.95 -25.48
C TYR A 304 -13.59 -2.18 -25.38
N THR A 305 -14.25 -1.45 -24.50
CA THR A 305 -15.67 -1.69 -24.31
C THR A 305 -16.43 -0.48 -23.78
N THR A 306 -17.67 -0.74 -23.39
CA THR A 306 -18.58 0.27 -22.87
C THR A 306 -19.16 -0.26 -21.55
N HIS A 307 -19.46 0.65 -20.63
CA HIS A 307 -20.04 0.26 -19.35
C HIS A 307 -21.20 1.15 -18.97
N LEU A 308 -22.15 0.57 -18.24
CA LEU A 308 -23.31 1.29 -17.74
C LEU A 308 -22.89 1.76 -16.36
N VAL A 309 -23.22 2.99 -16.01
CA VAL A 309 -22.81 3.53 -14.72
C VAL A 309 -23.95 3.86 -13.76
N GLN A 310 -23.78 3.43 -12.52
CA GLN A 310 -24.75 3.66 -11.45
C GLN A 310 -24.08 4.41 -10.30
N ASP A 311 -24.88 5.19 -9.59
CA ASP A 311 -24.39 5.92 -8.43
C ASP A 311 -24.40 4.89 -7.30
N GLY A 312 -23.73 5.18 -6.19
CA GLY A 312 -23.74 4.26 -5.07
C GLY A 312 -22.62 3.24 -4.93
N GLY A 313 -21.51 3.46 -5.64
CA GLY A 313 -20.39 2.54 -5.53
C GLY A 313 -19.65 2.77 -4.23
N SER A 314 -18.97 1.75 -3.73
CA SER A 314 -18.24 1.87 -2.46
C SER A 314 -16.72 1.97 -2.67
N ASP A 315 -16.26 1.77 -3.90
CA ASP A 315 -14.83 1.82 -4.20
C ASP A 315 -14.42 3.22 -4.64
N GLU A 316 -13.58 3.87 -3.82
CA GLU A 316 -13.13 5.21 -4.13
C GLU A 316 -12.26 5.24 -5.40
N LEU A 317 -11.53 4.15 -5.64
CA LEU A 317 -10.67 4.10 -6.83
C LEU A 317 -11.50 4.20 -8.10
N ALA A 318 -12.76 3.79 -8.02
CA ALA A 318 -13.66 3.84 -9.17
C ALA A 318 -14.45 5.14 -9.20
N GLY A 319 -14.34 5.93 -8.14
CA GLY A 319 -15.07 7.19 -8.08
C GLY A 319 -16.43 6.99 -7.44
N PHE A 320 -16.54 5.96 -6.62
CA PHE A 320 -17.79 5.64 -5.93
C PHE A 320 -18.97 5.40 -6.88
N VAL A 321 -18.74 4.56 -7.87
CA VAL A 321 -19.78 4.22 -8.83
C VAL A 321 -19.77 2.72 -9.04
N LYS A 322 -20.86 2.22 -9.62
CA LYS A 322 -20.98 0.81 -9.94
C LYS A 322 -21.04 0.75 -11.46
N THR A 323 -20.21 -0.09 -12.05
CA THR A 323 -20.20 -0.22 -13.51
C THR A 323 -20.47 -1.66 -13.89
N GLY A 324 -21.12 -1.85 -15.04
CA GLY A 324 -21.42 -3.18 -15.49
C GLY A 324 -21.85 -3.21 -16.94
N HIS A 325 -22.28 -4.38 -17.40
CA HIS A 325 -22.72 -4.58 -18.77
C HIS A 325 -24.13 -5.14 -18.82
N THR A 326 -24.86 -4.98 -17.72
CA THR A 326 -26.23 -5.49 -17.65
C THR A 326 -27.21 -4.33 -17.45
N ARG A 327 -28.12 -4.15 -18.40
CA ARG A 327 -29.11 -3.09 -18.31
C ARG A 327 -30.19 -3.41 -17.29
N ALA A 328 -30.99 -2.40 -16.95
CA ALA A 328 -32.06 -2.57 -15.98
C ALA A 328 -33.05 -3.66 -16.36
N ASP A 329 -33.26 -3.87 -17.66
CA ASP A 329 -34.20 -4.90 -18.10
C ASP A 329 -33.54 -6.26 -18.30
N GLY A 330 -32.26 -6.36 -17.93
CA GLY A 330 -31.56 -7.63 -18.07
C GLY A 330 -30.73 -7.79 -19.33
N THR A 331 -30.97 -6.96 -20.34
CA THR A 331 -30.22 -7.07 -21.59
C THR A 331 -28.74 -6.77 -21.40
N GLN A 332 -27.90 -7.56 -22.08
CA GLN A 332 -26.46 -7.39 -22.02
C GLN A 332 -26.05 -6.45 -23.15
N LEU A 333 -24.96 -5.71 -22.94
CA LEU A 333 -24.48 -4.78 -23.95
C LEU A 333 -24.08 -5.47 -25.25
N GLY A 334 -23.38 -6.60 -25.14
CA GLY A 334 -22.97 -7.31 -26.32
C GLY A 334 -22.29 -8.64 -26.07
N THR A 335 -21.69 -9.19 -27.12
CA THR A 335 -21.02 -10.48 -27.07
C THR A 335 -19.97 -10.56 -25.96
N GLN A 336 -20.01 -11.67 -25.22
CA GLN A 336 -19.08 -11.91 -24.12
C GLN A 336 -17.69 -12.26 -24.63
N SER A 337 -16.69 -11.82 -23.88
CA SER A 337 -15.30 -12.11 -24.20
C SER A 337 -14.78 -12.98 -23.05
N ASP A 338 -13.49 -13.27 -23.06
CA ASP A 338 -12.91 -14.10 -22.01
C ASP A 338 -12.79 -13.34 -20.68
N MET A 339 -13.05 -12.03 -20.72
CA MET A 339 -13.02 -11.21 -19.52
C MET A 339 -14.38 -10.57 -19.33
N GLY A 340 -14.97 -10.84 -18.16
CA GLY A 340 -16.29 -10.33 -17.86
C GLY A 340 -16.56 -8.86 -18.11
N TRP A 341 -15.58 -8.01 -17.81
CA TRP A 341 -15.76 -6.57 -17.98
C TRP A 341 -15.79 -6.11 -19.43
N LEU A 342 -15.31 -6.97 -20.34
CA LEU A 342 -15.22 -6.61 -21.74
C LEU A 342 -16.24 -7.27 -22.68
N GLN A 343 -17.20 -6.47 -23.16
CA GLN A 343 -18.19 -6.96 -24.09
C GLN A 343 -18.08 -6.16 -25.38
N THR A 344 -18.48 -6.76 -26.49
CA THR A 344 -18.42 -6.11 -27.78
C THR A 344 -19.52 -5.04 -27.90
N TYR A 345 -19.11 -3.79 -28.10
CA TYR A 345 -20.08 -2.70 -28.25
C TYR A 345 -19.51 -1.60 -29.14
N GLY A 346 -19.55 -1.83 -30.45
CA GLY A 346 -19.03 -0.88 -31.40
C GLY A 346 -19.53 0.55 -31.32
N PRO A 347 -20.84 0.77 -31.08
CA PRO A 347 -21.32 2.15 -31.00
C PRO A 347 -20.59 2.99 -29.97
N GLY A 348 -20.23 2.39 -28.84
CA GLY A 348 -19.51 3.11 -27.80
C GLY A 348 -18.18 3.66 -28.28
N PHE A 349 -17.52 2.91 -29.16
CA PHE A 349 -16.24 3.32 -29.71
C PHE A 349 -16.45 4.60 -30.52
N ARG A 350 -17.49 4.62 -31.34
CA ARG A 350 -17.82 5.78 -32.15
C ARG A 350 -18.11 7.00 -31.27
N TRP A 351 -18.92 6.80 -30.25
CA TRP A 351 -19.28 7.89 -29.34
C TRP A 351 -18.04 8.41 -28.61
N LEU A 352 -17.18 7.50 -28.16
CA LEU A 352 -15.96 7.90 -27.45
C LEU A 352 -15.01 8.71 -28.30
N LEU A 353 -14.81 8.30 -29.56
CA LEU A 353 -13.91 9.03 -30.45
C LEU A 353 -14.39 10.47 -30.64
N ASN A 354 -15.70 10.64 -30.85
CA ASN A 354 -16.27 11.96 -31.02
C ASN A 354 -16.09 12.79 -29.74
N TYR A 355 -16.37 12.16 -28.60
CA TYR A 355 -16.24 12.81 -27.30
C TYR A 355 -14.84 13.33 -27.05
N LEU A 356 -13.84 12.49 -27.31
CA LEU A 356 -12.45 12.88 -27.08
C LEU A 356 -11.98 14.01 -28.00
N TRP A 357 -12.38 13.97 -29.26
CA TRP A 357 -11.99 15.02 -30.19
C TRP A 357 -12.59 16.35 -29.75
N LYS A 358 -13.86 16.34 -29.36
CA LYS A 358 -14.54 17.55 -28.92
C LYS A 358 -13.99 18.09 -27.61
N ALA A 359 -13.76 17.19 -26.66
CA ALA A 359 -13.27 17.57 -25.34
C ALA A 359 -11.83 18.06 -25.27
N TYR A 360 -10.93 17.37 -25.96
CA TYR A 360 -9.52 17.73 -25.86
C TYR A 360 -8.83 18.31 -27.08
N ASP A 361 -9.54 18.36 -28.20
CA ASP A 361 -9.05 18.99 -29.43
C ASP A 361 -7.67 18.58 -29.94
N LYS A 362 -7.32 17.31 -29.81
CA LYS A 362 -6.04 16.80 -30.33
C LYS A 362 -6.34 15.55 -31.14
N PRO A 363 -5.61 15.34 -32.24
CA PRO A 363 -5.84 14.16 -33.08
C PRO A 363 -5.76 12.89 -32.24
N VAL A 364 -6.72 11.99 -32.43
CA VAL A 364 -6.74 10.74 -31.68
C VAL A 364 -6.06 9.60 -32.40
N TYR A 365 -5.22 8.87 -31.68
CA TYR A 365 -4.56 7.69 -32.22
C TYR A 365 -5.01 6.57 -31.29
N VAL A 366 -5.76 5.61 -31.83
CA VAL A 366 -6.23 4.50 -31.01
C VAL A 366 -5.05 3.54 -30.94
N THR A 367 -4.31 3.63 -29.83
CA THR A 367 -3.12 2.83 -29.64
C THR A 367 -3.34 1.38 -29.20
N GLU A 368 -4.58 1.05 -28.86
CA GLU A 368 -4.98 -0.30 -28.49
C GLU A 368 -6.49 -0.48 -28.62
N ASN A 369 -6.89 -1.56 -29.28
CA ASN A 369 -8.29 -1.94 -29.43
C ASN A 369 -8.25 -3.40 -29.85
N GLY A 370 -8.91 -4.26 -29.08
CA GLY A 370 -8.89 -5.68 -29.39
C GLY A 370 -9.88 -6.47 -28.58
N PHE A 371 -9.86 -7.80 -28.77
CA PHE A 371 -10.84 -8.67 -28.13
C PHE A 371 -10.30 -10.05 -27.82
N PRO A 372 -10.60 -10.58 -26.62
CA PRO A 372 -10.14 -11.92 -26.23
C PRO A 372 -11.33 -12.90 -26.33
N VAL A 373 -11.29 -13.79 -27.32
CA VAL A 373 -12.37 -14.76 -27.50
C VAL A 373 -12.56 -15.59 -26.24
N LYS A 374 -13.80 -15.70 -25.79
CA LYS A 374 -14.10 -16.45 -24.57
C LYS A 374 -13.76 -17.93 -24.72
N GLY A 375 -12.92 -18.41 -23.81
CA GLY A 375 -12.50 -19.80 -23.81
C GLY A 375 -11.52 -20.19 -24.89
N GLU A 376 -10.96 -19.22 -25.61
CA GLU A 376 -10.04 -19.54 -26.70
C GLU A 376 -8.80 -20.31 -26.26
N ASN A 377 -8.38 -20.12 -25.01
CA ASN A 377 -7.19 -20.80 -24.51
C ASN A 377 -7.37 -22.32 -24.50
N ASP A 378 -8.62 -22.78 -24.52
CA ASP A 378 -8.90 -24.20 -24.50
C ASP A 378 -9.04 -24.80 -25.90
N LEU A 379 -8.87 -23.99 -26.93
CA LEU A 379 -8.99 -24.46 -28.30
C LEU A 379 -7.66 -24.79 -28.97
N PRO A 380 -7.64 -25.86 -29.79
CA PRO A 380 -6.40 -26.22 -30.48
C PRO A 380 -6.26 -25.19 -31.60
N VAL A 381 -5.05 -25.02 -32.12
CA VAL A 381 -4.82 -24.03 -33.17
C VAL A 381 -5.81 -24.06 -34.34
N GLU A 382 -6.14 -25.26 -34.84
CA GLU A 382 -7.07 -25.37 -35.97
C GLU A 382 -8.43 -24.72 -35.69
N GLN A 383 -8.84 -24.72 -34.42
CA GLN A 383 -10.11 -24.12 -34.05
C GLN A 383 -9.93 -22.66 -33.66
N ALA A 384 -8.82 -22.36 -33.01
CA ALA A 384 -8.54 -21.00 -32.58
C ALA A 384 -8.47 -20.03 -33.76
N VAL A 385 -7.93 -20.48 -34.88
CA VAL A 385 -7.81 -19.63 -36.05
C VAL A 385 -9.16 -19.14 -36.59
N ASP A 386 -10.22 -19.91 -36.36
CA ASP A 386 -11.55 -19.49 -36.81
C ASP A 386 -12.15 -18.67 -35.68
N ASP A 387 -11.52 -17.52 -35.40
CA ASP A 387 -11.93 -16.66 -34.31
C ASP A 387 -13.10 -15.73 -34.61
N THR A 388 -14.24 -16.35 -34.87
CA THR A 388 -15.49 -15.67 -35.20
C THR A 388 -15.81 -14.41 -34.40
N ASP A 389 -15.78 -14.51 -33.07
CA ASP A 389 -16.11 -13.35 -32.25
C ASP A 389 -15.10 -12.20 -32.35
N ARG A 390 -13.83 -12.53 -32.55
CA ARG A 390 -12.82 -11.49 -32.68
C ARG A 390 -13.01 -10.78 -34.03
N GLN A 391 -13.33 -11.55 -35.06
CA GLN A 391 -13.57 -10.97 -36.38
C GLN A 391 -14.78 -10.04 -36.29
N ALA A 392 -15.82 -10.48 -35.59
CA ALA A 392 -17.03 -9.68 -35.44
C ALA A 392 -16.73 -8.40 -34.67
N TYR A 393 -15.88 -8.51 -33.65
CA TYR A 393 -15.50 -7.34 -32.86
C TYR A 393 -14.81 -6.32 -33.76
N TYR A 394 -13.80 -6.76 -34.51
CA TYR A 394 -13.09 -5.85 -35.40
C TYR A 394 -13.99 -5.30 -36.49
N ARG A 395 -14.97 -6.09 -36.93
CA ARG A 395 -15.91 -5.65 -37.95
C ARG A 395 -16.69 -4.45 -37.40
N ASP A 396 -17.19 -4.60 -36.17
CA ASP A 396 -17.96 -3.55 -35.52
C ASP A 396 -17.14 -2.31 -35.19
N TYR A 397 -15.94 -2.51 -34.68
CA TYR A 397 -15.11 -1.38 -34.29
C TYR A 397 -14.47 -0.61 -35.45
N THR A 398 -14.11 -1.31 -36.54
CA THR A 398 -13.53 -0.58 -37.67
C THR A 398 -14.64 0.22 -38.35
N GLU A 399 -15.86 -0.30 -38.32
CA GLU A 399 -16.99 0.41 -38.91
C GLU A 399 -17.23 1.69 -38.12
N ALA A 400 -17.16 1.59 -36.80
CA ALA A 400 -17.34 2.74 -35.93
C ALA A 400 -16.25 3.78 -36.19
N LEU A 401 -15.03 3.28 -36.40
CA LEU A 401 -13.90 4.16 -36.68
C LEU A 401 -14.12 4.94 -37.98
N LEU A 402 -14.51 4.21 -39.03
CA LEU A 402 -14.75 4.84 -40.33
C LEU A 402 -15.84 5.89 -40.26
N GLN A 403 -16.93 5.56 -39.56
CA GLN A 403 -18.04 6.50 -39.42
C GLN A 403 -17.61 7.72 -38.63
N ALA A 404 -16.89 7.49 -37.53
CA ALA A 404 -16.42 8.58 -36.69
C ALA A 404 -15.62 9.63 -37.45
N VAL A 405 -14.72 9.19 -38.32
CA VAL A 405 -13.90 10.12 -39.07
C VAL A 405 -14.55 10.71 -40.31
N THR A 406 -14.81 9.85 -41.30
CA THR A 406 -15.36 10.30 -42.57
C THR A 406 -16.75 10.92 -42.51
N GLU A 407 -17.60 10.44 -41.62
CA GLU A 407 -18.93 11.01 -41.50
C GLU A 407 -19.05 12.03 -40.36
N ASP A 408 -18.88 11.58 -39.13
CA ASP A 408 -19.02 12.48 -37.97
C ASP A 408 -18.03 13.64 -37.95
N GLY A 409 -16.79 13.39 -38.38
CA GLY A 409 -15.82 14.47 -38.38
C GLY A 409 -14.89 14.50 -37.18
N ALA A 410 -14.71 13.36 -36.53
CA ALA A 410 -13.79 13.28 -35.39
C ALA A 410 -12.40 13.10 -36.01
N ASP A 411 -11.42 13.82 -35.48
CA ASP A 411 -10.05 13.73 -35.99
C ASP A 411 -9.33 12.53 -35.38
N VAL A 412 -9.29 11.42 -36.10
CA VAL A 412 -8.65 10.18 -35.65
C VAL A 412 -7.68 9.80 -36.75
N ARG A 413 -6.40 9.63 -36.40
CA ARG A 413 -5.38 9.35 -37.41
C ARG A 413 -4.64 8.03 -37.33
N GLY A 414 -4.97 7.19 -36.35
CA GLY A 414 -4.30 5.92 -36.24
C GLY A 414 -5.13 4.89 -35.52
N TYR A 415 -4.87 3.61 -35.82
CA TYR A 415 -5.59 2.51 -35.18
C TYR A 415 -4.66 1.31 -35.08
N PHE A 416 -4.46 0.83 -33.85
CA PHE A 416 -3.60 -0.30 -33.60
C PHE A 416 -4.37 -1.41 -32.90
N GLY A 417 -4.39 -2.59 -33.53
CA GLY A 417 -5.09 -3.70 -32.93
C GLY A 417 -4.28 -4.30 -31.80
N TRP A 418 -4.96 -4.70 -30.74
CA TRP A 418 -4.30 -5.34 -29.61
C TRP A 418 -4.81 -6.78 -29.60
N SER A 419 -3.93 -7.75 -29.82
CA SER A 419 -2.50 -7.52 -30.08
C SER A 419 -2.04 -8.36 -31.27
N LEU A 420 -0.79 -8.17 -31.66
CA LEU A 420 -0.24 -8.92 -32.77
C LEU A 420 -0.26 -10.42 -32.47
N LEU A 421 0.18 -10.77 -31.26
CA LEU A 421 0.27 -12.17 -30.85
C LEU A 421 -0.41 -12.45 -29.52
N ASP A 422 -0.80 -13.70 -29.31
CA ASP A 422 -1.35 -14.09 -28.03
C ASP A 422 -0.13 -13.88 -27.13
N ASN A 423 -0.31 -13.38 -25.92
CA ASN A 423 0.85 -13.18 -25.06
C ASN A 423 0.51 -13.18 -23.57
N PHE A 424 1.48 -12.77 -22.76
CA PHE A 424 1.31 -12.71 -21.31
C PHE A 424 0.35 -11.58 -20.96
N GLU A 425 -0.78 -11.93 -20.36
CA GLU A 425 -1.78 -10.93 -20.00
C GLU A 425 -1.77 -10.52 -18.54
N TRP A 426 -0.59 -10.11 -18.08
CA TRP A 426 -0.40 -9.63 -16.73
C TRP A 426 -0.96 -10.56 -15.63
N ALA A 427 -1.83 -10.04 -14.76
CA ALA A 427 -2.36 -10.88 -13.68
C ALA A 427 -3.20 -12.06 -14.17
N GLU A 428 -3.63 -12.04 -15.42
CA GLU A 428 -4.43 -13.12 -15.99
C GLU A 428 -3.54 -14.21 -16.58
N GLY A 429 -2.25 -13.95 -16.62
CA GLY A 429 -1.32 -14.93 -17.17
C GLY A 429 -1.54 -15.16 -18.65
N TYR A 430 -1.37 -16.41 -19.09
CA TYR A 430 -1.51 -16.74 -20.50
C TYR A 430 -2.91 -17.23 -20.89
N LYS A 431 -3.81 -17.31 -19.92
CA LYS A 431 -5.17 -17.78 -20.16
C LYS A 431 -6.00 -16.92 -21.12
N VAL A 432 -5.78 -15.62 -21.07
CA VAL A 432 -6.52 -14.70 -21.95
C VAL A 432 -5.74 -14.50 -23.25
N ARG A 433 -6.41 -14.75 -24.36
CA ARG A 433 -5.82 -14.66 -25.69
C ARG A 433 -6.32 -13.45 -26.47
N PHE A 434 -5.44 -12.47 -26.71
CA PHE A 434 -5.79 -11.25 -27.42
C PHE A 434 -5.25 -11.15 -28.84
N GLY A 435 -4.42 -12.10 -29.24
CA GLY A 435 -3.83 -11.99 -30.56
C GLY A 435 -4.66 -12.25 -31.80
N VAL A 436 -4.20 -11.67 -32.91
CA VAL A 436 -4.84 -11.92 -34.20
C VAL A 436 -3.98 -13.04 -34.78
N THR A 437 -2.94 -13.41 -34.03
CA THR A 437 -2.02 -14.47 -34.40
C THR A 437 -1.96 -15.46 -33.24
N HIS A 438 -2.23 -16.73 -33.52
CA HIS A 438 -2.17 -17.75 -32.49
C HIS A 438 -0.72 -18.11 -32.24
N VAL A 439 -0.38 -18.37 -30.98
CA VAL A 439 0.97 -18.78 -30.64
C VAL A 439 0.89 -20.07 -29.83
N ASP A 440 1.64 -21.07 -30.26
CA ASP A 440 1.70 -22.34 -29.54
C ASP A 440 2.92 -22.11 -28.64
N TYR A 441 2.69 -22.00 -27.34
CA TYR A 441 3.79 -21.72 -26.42
C TYR A 441 4.82 -22.83 -26.27
N GLU A 442 4.52 -24.02 -26.76
CA GLU A 442 5.46 -25.13 -26.66
C GLU A 442 6.42 -25.17 -27.84
N THR A 443 6.04 -24.54 -28.95
CA THR A 443 6.87 -24.52 -30.14
C THR A 443 7.18 -23.10 -30.62
N GLN A 444 6.46 -22.13 -30.05
CA GLN A 444 6.57 -20.71 -30.40
C GLN A 444 6.10 -20.45 -31.83
N LYS A 445 5.43 -21.43 -32.43
CA LYS A 445 4.93 -21.26 -33.78
C LYS A 445 3.81 -20.23 -33.84
N ARG A 446 3.89 -19.33 -34.82
CA ARG A 446 2.88 -18.30 -35.03
C ARG A 446 1.95 -18.76 -36.16
N THR A 447 0.64 -18.69 -35.91
CA THR A 447 -0.33 -19.06 -36.92
C THR A 447 -1.39 -17.97 -37.01
N PRO A 448 -1.43 -17.23 -38.13
CA PRO A 448 -2.42 -16.17 -38.29
C PRO A 448 -3.86 -16.67 -38.11
N LYS A 449 -4.66 -15.90 -37.38
CA LYS A 449 -6.06 -16.23 -37.19
C LYS A 449 -6.82 -15.49 -38.28
N LYS A 450 -8.06 -15.87 -38.53
CA LYS A 450 -8.83 -15.22 -39.59
C LYS A 450 -9.01 -13.71 -39.37
N SER A 451 -9.01 -13.29 -38.11
CA SER A 451 -9.16 -11.86 -37.82
C SER A 451 -8.02 -11.05 -38.44
N ALA A 452 -6.83 -11.65 -38.53
CA ALA A 452 -5.70 -10.95 -39.14
C ALA A 452 -5.96 -10.68 -40.61
N GLU A 453 -6.54 -11.66 -41.29
CA GLU A 453 -6.87 -11.52 -42.71
C GLU A 453 -7.93 -10.43 -42.85
N PHE A 454 -8.90 -10.43 -41.94
CA PHE A 454 -9.96 -9.42 -42.00
C PHE A 454 -9.43 -8.00 -41.87
N LEU A 455 -8.59 -7.75 -40.86
CA LEU A 455 -8.05 -6.41 -40.67
C LEU A 455 -7.16 -5.96 -41.81
N SER A 456 -6.32 -6.86 -42.32
CA SER A 456 -5.44 -6.49 -43.43
C SER A 456 -6.28 -6.06 -44.61
N ARG A 457 -7.31 -6.84 -44.92
CA ARG A 457 -8.18 -6.54 -46.04
C ARG A 457 -9.00 -5.28 -45.81
N TRP A 458 -9.54 -5.13 -44.60
CA TRP A 458 -10.36 -3.95 -44.32
C TRP A 458 -9.58 -2.65 -44.46
N PHE A 459 -8.39 -2.58 -43.85
CA PHE A 459 -7.63 -1.36 -43.95
C PHE A 459 -7.09 -1.10 -45.35
N LYS A 460 -6.81 -2.17 -46.09
CA LYS A 460 -6.32 -2.02 -47.46
C LYS A 460 -7.44 -1.39 -48.29
N GLU A 461 -8.68 -1.81 -48.02
CA GLU A 461 -9.84 -1.31 -48.76
C GLU A 461 -10.44 -0.01 -48.23
N HIS A 462 -10.05 0.41 -47.04
CA HIS A 462 -10.63 1.63 -46.48
C HIS A 462 -9.67 2.78 -46.18
N ILE A 463 -8.48 2.73 -46.77
CA ILE A 463 -7.51 3.81 -46.64
C ILE A 463 -7.21 4.23 -48.06
N GLU A 464 -7.40 5.51 -48.37
CA GLU A 464 -7.14 6.03 -49.71
C GLU A 464 -5.82 5.55 -50.28
N GLU A 465 -5.83 5.14 -51.54
CA GLU A 465 -4.62 4.67 -52.19
C GLU A 465 -3.74 5.85 -52.62
N ALA B 7 16.21 -7.58 48.90
CA ALA B 7 16.00 -8.26 47.61
C ALA B 7 14.59 -8.02 47.08
N LYS B 8 14.07 -6.82 47.32
CA LYS B 8 12.73 -6.46 46.86
C LYS B 8 12.82 -5.25 45.95
N LEU B 9 11.78 -5.03 45.16
CA LEU B 9 11.74 -3.88 44.27
C LEU B 9 11.49 -2.65 45.14
N PRO B 10 11.98 -1.48 44.71
CA PRO B 10 11.79 -0.26 45.48
C PRO B 10 10.31 -0.01 45.80
N LYS B 11 10.06 0.67 46.91
CA LYS B 11 8.69 0.95 47.33
C LYS B 11 7.95 1.79 46.29
N SER B 12 8.70 2.59 45.54
CA SER B 12 8.13 3.47 44.51
C SER B 12 7.70 2.71 43.25
N PHE B 13 8.12 1.46 43.13
CA PHE B 13 7.79 0.63 41.97
C PHE B 13 6.28 0.49 41.82
N VAL B 14 5.77 0.66 40.60
CA VAL B 14 4.35 0.51 40.37
C VAL B 14 4.06 -0.70 39.49
N TRP B 15 2.94 -1.36 39.76
CA TRP B 15 2.55 -2.53 38.98
C TRP B 15 1.05 -2.45 38.77
N GLY B 16 0.58 -3.13 37.73
CA GLY B 16 -0.85 -3.14 37.45
C GLY B 16 -1.11 -3.87 36.15
N TYR B 17 -2.13 -3.43 35.43
CA TYR B 17 -2.49 -4.04 34.16
C TYR B 17 -2.66 -2.96 33.11
N ALA B 18 -2.65 -3.37 31.85
CA ALA B 18 -2.80 -2.45 30.74
C ALA B 18 -3.90 -2.94 29.81
N THR B 19 -4.54 -1.98 29.16
CA THR B 19 -5.61 -2.26 28.20
C THR B 19 -5.51 -1.21 27.10
N ALA B 20 -6.32 -1.40 26.05
CA ALA B 20 -6.37 -0.48 24.92
C ALA B 20 -7.86 -0.22 24.67
N ALA B 21 -8.21 1.04 24.37
CA ALA B 21 -9.60 1.40 24.17
C ALA B 21 -10.41 0.53 23.22
N TYR B 22 -9.94 0.36 21.99
CA TYR B 22 -10.72 -0.43 21.04
C TYR B 22 -10.85 -1.90 21.41
N GLN B 23 -9.89 -2.41 22.17
CA GLN B 23 -9.92 -3.83 22.56
C GLN B 23 -10.94 -4.15 23.65
N ILE B 24 -11.32 -3.15 24.44
CA ILE B 24 -12.25 -3.40 25.55
C ILE B 24 -13.53 -2.57 25.63
N GLU B 25 -13.50 -1.35 25.10
CA GLU B 25 -14.65 -0.46 25.23
C GLU B 25 -16.02 -0.77 24.66
N GLY B 26 -16.10 -1.13 23.39
CA GLY B 26 -17.41 -1.36 22.81
C GLY B 26 -18.05 0.02 22.66
N SER B 27 -19.38 0.10 22.65
CA SER B 27 -20.07 1.39 22.50
C SER B 27 -19.38 2.28 21.46
N PRO B 28 -19.14 1.74 20.25
CA PRO B 28 -18.48 2.46 19.15
C PRO B 28 -19.10 3.77 18.68
N ASP B 29 -20.41 3.94 18.82
CA ASP B 29 -21.03 5.17 18.38
C ASP B 29 -21.85 5.82 19.48
N LYS B 30 -21.54 5.47 20.73
CA LYS B 30 -22.24 6.03 21.87
C LYS B 30 -21.59 7.33 22.34
N ASP B 31 -22.39 8.20 22.92
CA ASP B 31 -21.91 9.47 23.44
C ASP B 31 -21.00 10.26 22.50
N GLY B 32 -21.41 10.36 21.24
CA GLY B 32 -20.65 11.13 20.27
C GLY B 32 -19.45 10.54 19.57
N ARG B 33 -19.06 9.31 19.90
CA ARG B 33 -17.90 8.73 19.24
C ARG B 33 -18.17 8.47 17.77
N GLU B 34 -17.19 8.76 16.93
CA GLU B 34 -17.30 8.50 15.50
C GLU B 34 -16.27 7.43 15.17
N PRO B 35 -16.38 6.80 13.99
CA PRO B 35 -15.45 5.74 13.59
C PRO B 35 -13.95 5.99 13.59
N SER B 36 -13.20 4.95 13.95
CA SER B 36 -11.74 4.96 13.92
C SER B 36 -11.43 4.05 12.74
N ILE B 37 -10.18 4.03 12.30
CA ILE B 37 -9.81 3.17 11.20
C ILE B 37 -10.02 1.69 11.52
N TRP B 38 -10.04 1.36 12.81
CA TRP B 38 -10.27 -0.03 13.18
C TRP B 38 -11.74 -0.43 13.05
N ASP B 39 -12.65 0.52 13.25
CA ASP B 39 -14.07 0.22 13.09
C ASP B 39 -14.28 -0.12 11.62
N THR B 40 -13.64 0.68 10.77
CA THR B 40 -13.74 0.49 9.33
C THR B 40 -13.12 -0.84 8.91
N PHE B 41 -11.93 -1.12 9.45
CA PHE B 41 -11.21 -2.34 9.14
C PHE B 41 -11.99 -3.61 9.46
N CYS B 42 -12.68 -3.62 10.60
CA CYS B 42 -13.45 -4.81 11.00
C CYS B 42 -14.69 -5.03 10.15
N LYS B 43 -15.02 -4.09 9.27
CA LYS B 43 -16.18 -4.25 8.41
C LYS B 43 -15.74 -4.77 7.04
N ALA B 44 -14.43 -4.96 6.88
CA ALA B 44 -13.86 -5.47 5.64
C ALA B 44 -13.74 -6.98 5.74
N PRO B 45 -14.38 -7.71 4.81
CA PRO B 45 -14.31 -9.17 4.83
C PRO B 45 -12.89 -9.74 4.78
N GLY B 46 -12.66 -10.77 5.59
CA GLY B 46 -11.36 -11.43 5.61
C GLY B 46 -10.26 -10.80 6.45
N LYS B 47 -10.48 -9.59 6.95
CA LYS B 47 -9.46 -8.92 7.75
C LYS B 47 -9.33 -9.44 9.18
N ILE B 48 -10.45 -9.84 9.77
CA ILE B 48 -10.43 -10.37 11.14
C ILE B 48 -10.68 -11.89 11.06
N ALA B 49 -9.76 -12.65 11.65
CA ALA B 49 -9.82 -14.12 11.63
C ALA B 49 -11.17 -14.76 11.91
N ASP B 50 -11.88 -14.25 12.92
CA ASP B 50 -13.19 -14.81 13.26
C ASP B 50 -14.35 -13.92 12.84
N GLY B 51 -14.08 -12.97 11.96
CA GLY B 51 -15.12 -12.08 11.47
C GLY B 51 -15.77 -11.22 12.54
N SER B 52 -15.03 -10.94 13.61
CA SER B 52 -15.56 -10.14 14.70
C SER B 52 -15.12 -8.68 14.61
N SER B 53 -15.43 -7.92 15.65
CA SER B 53 -15.07 -6.50 15.70
C SER B 53 -15.08 -6.05 17.15
N GLY B 54 -14.76 -4.78 17.36
CA GLY B 54 -14.77 -4.24 18.71
C GLY B 54 -16.10 -3.57 19.03
N ASP B 55 -17.15 -3.93 18.29
CA ASP B 55 -18.47 -3.33 18.52
C ASP B 55 -18.95 -3.49 19.96
N VAL B 56 -18.60 -4.60 20.59
CA VAL B 56 -19.01 -4.85 21.97
C VAL B 56 -17.81 -5.09 22.88
N ALA B 57 -16.89 -5.96 22.45
CA ALA B 57 -15.71 -6.28 23.24
C ALA B 57 -16.13 -6.68 24.65
N THR B 58 -15.49 -6.08 25.65
CA THR B 58 -15.82 -6.38 27.04
C THR B 58 -16.78 -5.34 27.61
N ASP B 59 -17.36 -4.54 26.73
CA ASP B 59 -18.34 -3.52 27.11
C ASP B 59 -17.81 -2.63 28.23
N SER B 60 -16.51 -2.38 28.21
CA SER B 60 -15.86 -1.58 29.26
C SER B 60 -16.15 -0.08 29.27
N TYR B 61 -16.71 0.45 28.19
CA TYR B 61 -17.05 1.86 28.19
C TYR B 61 -18.21 1.99 29.19
N ASN B 62 -19.21 1.13 29.06
CA ASN B 62 -20.36 1.15 29.95
C ASN B 62 -20.00 0.60 31.33
N ARG B 63 -19.18 -0.45 31.36
CA ARG B 63 -18.80 -1.10 32.60
C ARG B 63 -17.49 -0.60 33.20
N TRP B 64 -17.13 0.65 32.90
CA TRP B 64 -15.88 1.20 33.41
C TRP B 64 -15.75 1.13 34.93
N ARG B 65 -16.87 1.31 35.64
CA ARG B 65 -16.84 1.27 37.10
C ARG B 65 -16.48 -0.13 37.60
N GLU B 66 -17.01 -1.16 36.94
CA GLU B 66 -16.72 -2.55 37.33
C GLU B 66 -15.23 -2.83 37.16
N ASP B 67 -14.67 -2.39 36.03
CA ASP B 67 -13.26 -2.61 35.76
C ASP B 67 -12.38 -1.96 36.83
N VAL B 68 -12.75 -0.75 37.25
CA VAL B 68 -11.98 -0.05 38.28
C VAL B 68 -12.05 -0.82 39.60
N GLN B 69 -13.24 -1.34 39.92
CA GLN B 69 -13.42 -2.11 41.15
C GLN B 69 -12.59 -3.39 41.07
N LEU B 70 -12.49 -3.95 39.87
CA LEU B 70 -11.71 -5.18 39.68
C LEU B 70 -10.24 -4.88 39.91
N LEU B 71 -9.77 -3.79 39.34
CA LEU B 71 -8.38 -3.38 39.51
C LEU B 71 -8.06 -3.17 40.98
N LYS B 72 -8.97 -2.51 41.70
CA LYS B 72 -8.78 -2.26 43.12
C LYS B 72 -8.75 -3.57 43.90
N SER B 73 -9.65 -4.49 43.54
CA SER B 73 -9.71 -5.79 44.22
C SER B 73 -8.40 -6.56 44.03
N TYR B 74 -7.72 -6.31 42.91
CA TYR B 74 -6.45 -6.98 42.62
C TYR B 74 -5.27 -6.31 43.34
N GLY B 75 -5.51 -5.14 43.91
CA GLY B 75 -4.46 -4.43 44.62
C GLY B 75 -3.41 -3.76 43.75
N VAL B 76 -3.77 -3.43 42.51
CA VAL B 76 -2.81 -2.78 41.62
C VAL B 76 -2.43 -1.39 42.15
N LYS B 77 -1.26 -0.92 41.76
CA LYS B 77 -0.80 0.41 42.15
C LYS B 77 -1.02 1.38 41.00
N ALA B 78 -1.17 0.84 39.79
CA ALA B 78 -1.36 1.66 38.60
C ALA B 78 -2.21 0.93 37.55
N TYR B 79 -2.72 1.70 36.60
CA TYR B 79 -3.53 1.15 35.52
C TYR B 79 -3.21 1.89 34.23
N ARG B 80 -2.80 1.16 33.21
CA ARG B 80 -2.48 1.75 31.92
C ARG B 80 -3.62 1.49 30.96
N PHE B 81 -4.14 2.55 30.36
CA PHE B 81 -5.23 2.42 29.41
C PHE B 81 -5.06 3.49 28.34
N SER B 82 -5.80 3.37 27.25
CA SER B 82 -5.67 4.37 26.19
C SER B 82 -6.95 5.15 25.98
N LEU B 83 -6.80 6.33 25.39
CA LEU B 83 -7.94 7.18 25.09
C LEU B 83 -8.32 7.03 23.63
N SER B 84 -9.61 6.85 23.36
CA SER B 84 -10.08 6.74 21.98
C SER B 84 -10.16 8.17 21.42
N TRP B 85 -9.23 8.49 20.53
CA TRP B 85 -9.15 9.80 19.89
C TRP B 85 -10.52 10.23 19.35
N SER B 86 -11.20 9.32 18.66
CA SER B 86 -12.49 9.66 18.08
C SER B 86 -13.65 9.81 19.08
N ARG B 87 -13.35 9.68 20.37
CA ARG B 87 -14.36 9.89 21.41
C ARG B 87 -14.17 11.31 21.94
N ILE B 88 -12.95 11.84 21.77
CA ILE B 88 -12.59 13.17 22.26
C ILE B 88 -12.73 14.22 21.15
N ILE B 89 -12.25 13.90 19.96
CA ILE B 89 -12.39 14.77 18.79
C ILE B 89 -12.83 13.75 17.75
N PRO B 90 -14.15 13.52 17.62
CA PRO B 90 -14.73 12.57 16.68
C PRO B 90 -14.11 12.48 15.29
N LYS B 91 -13.93 13.61 14.62
CA LYS B 91 -13.32 13.58 13.30
C LYS B 91 -11.81 13.70 13.39
N GLY B 92 -11.33 13.99 14.59
CA GLY B 92 -9.90 14.05 14.87
C GLY B 92 -9.04 15.28 14.66
N GLY B 93 -9.45 16.18 13.77
CA GLY B 93 -8.65 17.35 13.47
C GLY B 93 -8.62 18.51 14.42
N ARG B 94 -7.61 19.36 14.25
CA ARG B 94 -7.42 20.53 15.10
C ARG B 94 -8.56 21.54 14.97
N SER B 95 -9.35 21.43 13.90
CA SER B 95 -10.47 22.33 13.70
C SER B 95 -11.81 21.60 13.64
N ASP B 96 -11.82 20.34 14.09
CA ASP B 96 -13.04 19.56 14.13
C ASP B 96 -13.67 19.73 15.51
N PRO B 97 -14.99 19.47 15.63
CA PRO B 97 -15.69 19.60 16.90
C PRO B 97 -15.11 18.73 18.02
N VAL B 98 -15.15 19.26 19.23
CA VAL B 98 -14.66 18.56 20.41
C VAL B 98 -15.89 17.92 21.07
N ASN B 99 -15.76 16.65 21.46
CA ASN B 99 -16.86 15.91 22.06
C ASN B 99 -16.81 15.96 23.59
N GLY B 100 -17.59 16.88 24.16
CA GLY B 100 -17.64 17.02 25.61
C GLY B 100 -17.98 15.76 26.37
N ALA B 101 -18.92 14.97 25.85
CA ALA B 101 -19.32 13.74 26.53
C ALA B 101 -18.16 12.76 26.64
N GLY B 102 -17.31 12.73 25.62
CA GLY B 102 -16.17 11.83 25.63
C GLY B 102 -15.16 12.26 26.69
N ILE B 103 -14.90 13.56 26.77
CA ILE B 103 -13.96 14.09 27.75
C ILE B 103 -14.50 13.81 29.17
N LYS B 104 -15.79 14.02 29.36
CA LYS B 104 -16.40 13.78 30.67
C LYS B 104 -16.23 12.33 31.09
N HIS B 105 -16.45 11.41 30.15
CA HIS B 105 -16.33 10.00 30.44
C HIS B 105 -14.95 9.66 30.98
N TYR B 106 -13.91 10.07 30.26
CA TYR B 106 -12.55 9.77 30.67
C TYR B 106 -12.16 10.54 31.94
N ARG B 107 -12.68 11.75 32.10
CA ARG B 107 -12.37 12.53 33.29
C ARG B 107 -12.92 11.82 34.53
N THR B 108 -14.16 11.35 34.43
CA THR B 108 -14.80 10.64 35.53
C THR B 108 -14.05 9.35 35.86
N LEU B 109 -13.61 8.64 34.82
CA LEU B 109 -12.86 7.40 35.01
C LEU B 109 -11.55 7.69 35.74
N ILE B 110 -10.83 8.70 35.28
CA ILE B 110 -9.57 9.07 35.89
C ILE B 110 -9.74 9.54 37.33
N GLU B 111 -10.78 10.31 37.60
CA GLU B 111 -11.03 10.78 38.95
C GLU B 111 -11.27 9.60 39.88
N GLU B 112 -11.96 8.57 39.39
CA GLU B 112 -12.25 7.40 40.18
C GLU B 112 -10.96 6.61 40.47
N LEU B 113 -10.10 6.51 39.47
CA LEU B 113 -8.84 5.80 39.64
C LEU B 113 -8.01 6.48 40.73
N VAL B 114 -7.89 7.80 40.64
CA VAL B 114 -7.12 8.56 41.62
C VAL B 114 -7.73 8.43 43.02
N LYS B 115 -9.06 8.46 43.11
CA LYS B 115 -9.75 8.33 44.38
C LYS B 115 -9.44 6.98 45.01
N GLU B 116 -9.26 5.97 44.16
CA GLU B 116 -8.95 4.60 44.59
C GLU B 116 -7.47 4.37 44.86
N GLY B 117 -6.66 5.40 44.65
CA GLY B 117 -5.23 5.27 44.87
C GLY B 117 -4.53 4.51 43.76
N ILE B 118 -5.12 4.51 42.57
CA ILE B 118 -4.55 3.82 41.42
C ILE B 118 -4.00 4.85 40.43
N THR B 119 -2.69 4.83 40.24
CA THR B 119 -2.01 5.77 39.35
C THR B 119 -2.32 5.51 37.87
N PRO B 120 -2.94 6.48 37.19
CA PRO B 120 -3.26 6.28 35.78
C PRO B 120 -2.08 6.54 34.84
N PHE B 121 -1.84 5.59 33.93
CA PHE B 121 -0.81 5.73 32.91
C PHE B 121 -1.65 5.79 31.64
N VAL B 122 -1.66 6.96 31.00
CA VAL B 122 -2.51 7.16 29.84
C VAL B 122 -1.81 7.18 28.49
N THR B 123 -2.25 6.29 27.60
CA THR B 123 -1.74 6.20 26.24
C THR B 123 -2.64 7.05 25.34
N LEU B 124 -2.05 8.04 24.68
CA LEU B 124 -2.82 8.91 23.80
C LEU B 124 -3.25 8.17 22.53
N TYR B 125 -2.33 7.41 21.95
CA TYR B 125 -2.64 6.70 20.72
C TYR B 125 -2.35 5.21 20.73
N HIS B 126 -3.41 4.42 20.75
CA HIS B 126 -3.26 2.98 20.70
C HIS B 126 -3.97 2.42 19.47
N TRP B 127 -3.55 2.95 18.32
CA TRP B 127 -3.97 2.53 16.97
C TRP B 127 -5.29 2.96 16.37
N ASP B 128 -6.15 3.58 17.16
CA ASP B 128 -7.47 3.98 16.69
C ASP B 128 -7.59 5.38 16.09
N LEU B 129 -6.86 5.62 15.01
CA LEU B 129 -6.90 6.91 14.33
C LEU B 129 -8.32 7.21 13.87
N PRO B 130 -8.80 8.44 14.06
CA PRO B 130 -10.15 8.75 13.62
C PRO B 130 -10.22 8.53 12.10
N GLN B 131 -11.26 7.83 11.65
CA GLN B 131 -11.40 7.55 10.22
C GLN B 131 -11.41 8.81 9.35
N ALA B 132 -12.00 9.88 9.87
CA ALA B 132 -12.07 11.12 9.09
C ALA B 132 -10.70 11.65 8.69
N LEU B 133 -9.68 11.41 9.52
CA LEU B 133 -8.34 11.90 9.19
C LEU B 133 -7.73 11.06 8.07
N ASP B 134 -8.07 9.78 8.01
CA ASP B 134 -7.55 8.94 6.95
C ASP B 134 -8.17 9.38 5.62
N ASP B 135 -9.48 9.66 5.65
CA ASP B 135 -10.16 10.11 4.45
C ASP B 135 -9.72 11.51 4.03
N ARG B 136 -9.51 12.38 5.01
CA ARG B 136 -9.12 13.75 4.74
C ARG B 136 -7.74 13.93 4.13
N TYR B 137 -6.74 13.28 4.70
CA TYR B 137 -5.38 13.43 4.19
C TYR B 137 -4.49 12.19 4.30
N GLY B 138 -5.09 11.04 4.57
CA GLY B 138 -4.31 9.83 4.68
C GLY B 138 -3.65 9.63 6.04
N GLY B 139 -4.20 10.30 7.05
CA GLY B 139 -3.65 10.16 8.39
C GLY B 139 -2.15 10.39 8.50
N TRP B 140 -1.44 9.43 9.09
CA TRP B 140 0.01 9.54 9.28
C TRP B 140 0.83 9.71 8.02
N LEU B 141 0.21 9.55 6.86
CA LEU B 141 0.92 9.70 5.60
C LEU B 141 1.21 11.15 5.24
N ASN B 142 0.50 12.08 5.88
CA ASN B 142 0.70 13.50 5.62
C ASN B 142 1.41 14.11 6.82
N LYS B 143 2.68 14.45 6.62
CA LYS B 143 3.52 15.01 7.67
C LYS B 143 2.94 16.19 8.43
N GLU B 144 2.74 17.31 7.74
CA GLU B 144 2.24 18.51 8.39
C GLU B 144 0.86 18.40 9.02
N GLU B 145 -0.08 17.76 8.34
CA GLU B 145 -1.43 17.64 8.90
C GLU B 145 -1.46 16.72 10.11
N ALA B 146 -0.80 15.57 10.02
CA ALA B 146 -0.79 14.62 11.13
C ALA B 146 -0.12 15.19 12.38
N ILE B 147 0.99 15.89 12.18
CA ILE B 147 1.70 16.47 13.32
C ILE B 147 0.84 17.53 14.02
N GLN B 148 0.27 18.44 13.24
CA GLN B 148 -0.56 19.48 13.83
C GLN B 148 -1.80 18.92 14.52
N ASP B 149 -2.41 17.90 13.92
CA ASP B 149 -3.59 17.32 14.54
C ASP B 149 -3.26 16.51 15.78
N PHE B 150 -2.15 15.77 15.77
CA PHE B 150 -1.81 15.01 16.96
C PHE B 150 -1.44 15.96 18.09
N THR B 151 -0.76 17.05 17.75
CA THR B 151 -0.37 18.03 18.77
C THR B 151 -1.60 18.64 19.44
N ASN B 152 -2.61 18.99 18.65
CA ASN B 152 -3.85 19.56 19.19
C ASN B 152 -4.56 18.54 20.08
N TYR B 153 -4.60 17.29 19.63
CA TYR B 153 -5.23 16.22 20.39
C TYR B 153 -4.50 16.08 21.73
N ALA B 154 -3.17 16.06 21.67
CA ALA B 154 -2.37 15.94 22.89
C ALA B 154 -2.65 17.11 23.84
N LYS B 155 -2.67 18.33 23.29
CA LYS B 155 -2.93 19.52 24.11
C LYS B 155 -4.27 19.40 24.84
N LEU B 156 -5.30 19.00 24.11
CA LEU B 156 -6.63 18.85 24.69
C LEU B 156 -6.62 17.82 25.81
N CYS B 157 -5.85 16.74 25.63
CA CYS B 157 -5.77 15.71 26.64
C CYS B 157 -4.98 16.17 27.86
N PHE B 158 -3.84 16.83 27.63
CA PHE B 158 -3.03 17.31 28.74
C PHE B 158 -3.84 18.31 29.57
N GLU B 159 -4.60 19.17 28.89
CA GLU B 159 -5.40 20.17 29.59
C GLU B 159 -6.60 19.54 30.31
N SER B 160 -7.30 18.64 29.63
CA SER B 160 -8.47 18.01 30.20
C SER B 160 -8.22 17.06 31.37
N PHE B 161 -7.11 16.35 31.33
CA PHE B 161 -6.81 15.35 32.37
C PHE B 161 -5.48 15.51 33.12
N GLY B 162 -4.63 16.40 32.62
CA GLY B 162 -3.30 16.60 33.19
C GLY B 162 -3.15 16.95 34.67
N ASP B 163 -4.19 17.50 35.29
CA ASP B 163 -4.08 17.84 36.70
C ASP B 163 -4.25 16.57 37.54
N LEU B 164 -4.62 15.47 36.89
CA LEU B 164 -4.80 14.20 37.58
C LEU B 164 -3.85 13.12 37.06
N VAL B 165 -3.35 13.32 35.85
CA VAL B 165 -2.44 12.36 35.22
C VAL B 165 -1.01 12.89 35.20
N GLN B 166 -0.06 12.08 35.67
CA GLN B 166 1.35 12.48 35.68
C GLN B 166 2.21 11.50 34.90
N ASN B 167 1.58 10.55 34.22
CA ASN B 167 2.30 9.55 33.45
C ASN B 167 1.62 9.39 32.09
N TRP B 168 2.26 9.93 31.06
CA TRP B 168 1.73 9.89 29.70
C TRP B 168 2.57 9.08 28.74
N ILE B 169 1.88 8.44 27.80
CA ILE B 169 2.52 7.66 26.74
C ILE B 169 1.92 8.20 25.46
N THR B 170 2.76 8.69 24.55
CA THR B 170 2.28 9.24 23.29
C THR B 170 1.72 8.17 22.36
N PHE B 171 2.60 7.25 21.97
CA PHE B 171 2.24 6.17 21.06
C PHE B 171 2.52 4.79 21.61
N ASN B 172 1.65 3.85 21.26
CA ASN B 172 1.86 2.47 21.64
C ASN B 172 2.31 1.70 20.40
N GLU B 173 3.52 1.17 20.46
CA GLU B 173 4.08 0.34 19.40
C GLU B 173 4.05 0.88 17.97
N PRO B 174 4.85 1.92 17.68
CA PRO B 174 4.87 2.45 16.32
C PRO B 174 5.35 1.42 15.29
N TRP B 175 6.05 0.39 15.74
CA TRP B 175 6.51 -0.65 14.83
C TRP B 175 5.27 -1.36 14.28
N VAL B 176 4.32 -1.66 15.16
CA VAL B 176 3.09 -2.33 14.73
C VAL B 176 2.27 -1.40 13.84
N ILE B 177 2.10 -0.16 14.31
CA ILE B 177 1.33 0.83 13.57
C ILE B 177 1.81 0.91 12.12
N SER B 178 3.13 1.00 11.95
CA SER B 178 3.73 1.12 10.62
C SER B 178 3.82 -0.17 9.82
N VAL B 179 4.43 -1.21 10.39
CA VAL B 179 4.60 -2.46 9.67
C VAL B 179 3.29 -3.18 9.35
N MET B 180 2.46 -3.39 10.37
CA MET B 180 1.19 -4.10 10.18
C MET B 180 0.12 -3.26 9.50
N GLY B 181 0.12 -1.95 9.77
CA GLY B 181 -0.88 -1.10 9.17
C GLY B 181 -0.57 -0.58 7.78
N TYR B 182 0.71 -0.43 7.45
CA TYR B 182 1.09 0.12 6.16
C TYR B 182 2.08 -0.70 5.34
N GLY B 183 2.69 -1.70 5.98
CA GLY B 183 3.66 -2.53 5.28
C GLY B 183 3.05 -3.78 4.68
N ASN B 184 2.37 -4.57 5.51
CA ASN B 184 1.75 -5.80 5.02
C ASN B 184 0.22 -5.81 5.06
N GLY B 185 -0.36 -4.69 5.51
CA GLY B 185 -1.81 -4.55 5.55
C GLY B 185 -2.59 -5.48 6.45
N ILE B 186 -1.92 -6.14 7.38
CA ILE B 186 -2.59 -7.05 8.29
C ILE B 186 -3.48 -6.33 9.31
N PHE B 187 -3.08 -5.12 9.68
CA PHE B 187 -3.83 -4.29 10.64
C PHE B 187 -4.34 -3.04 9.93
N ALA B 188 -5.29 -2.34 10.54
CA ALA B 188 -5.83 -1.11 9.96
C ALA B 188 -4.69 -0.10 9.78
N PRO B 189 -4.74 0.71 8.71
CA PRO B 189 -5.77 0.81 7.67
C PRO B 189 -5.64 -0.18 6.51
N GLY B 190 -4.83 -1.22 6.67
CA GLY B 190 -4.69 -2.23 5.63
C GLY B 190 -3.89 -1.87 4.39
N HIS B 191 -2.94 -0.95 4.53
CA HIS B 191 -2.10 -0.57 3.39
C HIS B 191 -0.92 -1.52 3.22
N VAL B 192 -0.44 -1.64 1.98
CA VAL B 192 0.69 -2.50 1.63
C VAL B 192 1.64 -1.65 0.79
N SER B 193 2.86 -1.47 1.26
CA SER B 193 3.82 -0.63 0.54
C SER B 193 5.25 -0.80 1.06
N ASN B 194 6.22 -0.54 0.20
CA ASN B 194 7.62 -0.62 0.59
C ASN B 194 8.10 0.77 0.99
N THR B 195 7.17 1.72 1.04
CA THR B 195 7.50 3.09 1.36
C THR B 195 6.68 3.68 2.51
N GLU B 196 5.37 3.46 2.49
CA GLU B 196 4.51 4.00 3.54
C GLU B 196 4.89 3.62 4.98
N PRO B 197 5.31 2.38 5.23
CA PRO B 197 5.65 2.08 6.62
C PRO B 197 6.76 2.98 7.17
N TRP B 198 7.73 3.32 6.33
CA TRP B 198 8.85 4.14 6.75
C TRP B 198 8.45 5.60 6.89
N ILE B 199 7.52 6.05 6.04
CA ILE B 199 7.03 7.42 6.07
C ILE B 199 6.17 7.60 7.34
N VAL B 200 5.28 6.64 7.59
CA VAL B 200 4.42 6.68 8.75
C VAL B 200 5.26 6.69 10.02
N SER B 201 6.31 5.87 10.05
CA SER B 201 7.18 5.82 11.21
C SER B 201 7.85 7.16 11.44
N HIS B 202 8.32 7.76 10.35
CA HIS B 202 9.00 9.05 10.42
C HIS B 202 8.05 10.11 10.99
N HIS B 203 6.84 10.16 10.45
CA HIS B 203 5.85 11.14 10.89
C HIS B 203 5.38 10.91 12.32
N ILE B 204 5.34 9.67 12.76
CA ILE B 204 4.92 9.38 14.13
C ILE B 204 6.04 9.79 15.09
N ILE B 205 7.29 9.57 14.71
CA ILE B 205 8.40 9.99 15.55
C ILE B 205 8.32 11.51 15.73
N LEU B 206 8.04 12.23 14.64
CA LEU B 206 7.93 13.68 14.70
C LEU B 206 6.70 14.12 15.50
N ALA B 207 5.56 13.46 15.29
CA ALA B 207 4.33 13.81 16.00
C ALA B 207 4.58 13.62 17.50
N HIS B 208 5.25 12.51 17.83
CA HIS B 208 5.60 12.20 19.21
C HIS B 208 6.44 13.34 19.79
N ALA B 209 7.49 13.71 19.07
CA ALA B 209 8.40 14.77 19.51
C ALA B 209 7.70 16.11 19.72
N HIS B 210 6.77 16.45 18.84
CA HIS B 210 6.04 17.71 18.98
C HIS B 210 5.11 17.68 20.19
N ALA B 211 4.52 16.53 20.46
CA ALA B 211 3.63 16.41 21.60
C ALA B 211 4.43 16.51 22.89
N VAL B 212 5.63 15.94 22.87
CA VAL B 212 6.49 15.97 24.04
C VAL B 212 6.98 17.40 24.30
N LYS B 213 7.33 18.12 23.24
CA LYS B 213 7.79 19.51 23.42
C LYS B 213 6.65 20.32 24.00
N LEU B 214 5.44 20.09 23.50
CA LEU B 214 4.26 20.79 24.00
C LEU B 214 4.07 20.51 25.49
N TYR B 215 4.19 19.24 25.88
CA TYR B 215 4.02 18.87 27.28
C TYR B 215 5.04 19.59 28.15
N ARG B 216 6.30 19.51 27.76
CA ARG B 216 7.37 20.15 28.52
C ARG B 216 7.24 21.66 28.60
N ASP B 217 6.82 22.29 27.51
CA ASP B 217 6.68 23.73 27.45
C ASP B 217 5.46 24.33 28.15
N GLU B 218 4.32 23.66 28.06
CA GLU B 218 3.10 24.19 28.65
C GLU B 218 2.48 23.45 29.83
N PHE B 219 2.88 22.20 30.05
CA PHE B 219 2.26 21.42 31.11
C PHE B 219 3.11 20.76 32.19
N LYS B 220 4.31 20.32 31.84
CA LYS B 220 5.16 19.61 32.79
C LYS B 220 5.46 20.31 34.11
N GLU B 221 5.82 21.58 34.05
CA GLU B 221 6.15 22.33 35.26
C GLU B 221 4.94 22.46 36.19
N LYS B 222 3.77 22.73 35.62
CA LYS B 222 2.56 22.89 36.40
C LYS B 222 1.89 21.59 36.86
N GLN B 223 1.99 20.54 36.05
CA GLN B 223 1.36 19.28 36.39
C GLN B 223 2.29 18.24 37.03
N GLY B 224 3.60 18.49 36.94
CA GLY B 224 4.58 17.59 37.53
C GLY B 224 4.56 16.15 37.05
N GLY B 225 4.38 15.96 35.75
CA GLY B 225 4.34 14.60 35.22
C GLY B 225 5.50 14.31 34.28
N GLN B 226 5.43 13.14 33.65
CA GLN B 226 6.47 12.72 32.72
C GLN B 226 5.78 12.13 31.49
N ILE B 227 6.49 12.11 30.37
CA ILE B 227 5.92 11.61 29.13
C ILE B 227 6.94 10.78 28.36
N GLY B 228 6.48 9.67 27.80
CA GLY B 228 7.36 8.81 27.03
C GLY B 228 6.64 8.10 25.91
N ILE B 229 7.34 7.19 25.26
CA ILE B 229 6.76 6.41 24.16
C ILE B 229 6.95 4.94 24.48
N THR B 230 6.01 4.10 24.02
CA THR B 230 6.09 2.67 24.25
C THR B 230 6.50 1.96 22.98
N LEU B 231 7.61 1.25 23.06
CA LEU B 231 8.14 0.52 21.91
C LEU B 231 8.15 -0.96 22.21
N ASP B 232 7.79 -1.77 21.22
CA ASP B 232 7.81 -3.21 21.42
C ASP B 232 9.12 -3.82 20.93
N SER B 233 9.57 -4.86 21.61
CA SER B 233 10.79 -5.55 21.24
C SER B 233 10.88 -6.89 21.92
N HIS B 234 11.39 -7.88 21.21
CA HIS B 234 11.61 -9.21 21.77
C HIS B 234 13.07 -9.15 22.17
N TRP B 235 13.57 -10.21 22.78
CA TRP B 235 14.99 -10.26 23.06
C TRP B 235 15.44 -11.10 21.88
N LEU B 236 16.54 -10.71 21.23
CA LEU B 236 17.02 -11.46 20.08
C LEU B 236 18.38 -12.08 20.33
N ILE B 237 18.49 -13.36 19.96
CA ILE B 237 19.72 -14.12 20.13
C ILE B 237 20.13 -14.75 18.80
N PRO B 238 21.43 -14.68 18.46
CA PRO B 238 21.88 -15.27 17.19
C PRO B 238 21.63 -16.78 17.19
N TYR B 239 21.10 -17.30 16.08
CA TYR B 239 20.82 -18.72 15.96
C TYR B 239 22.08 -19.56 16.16
N ASP B 240 23.19 -19.08 15.61
CA ASP B 240 24.47 -19.76 15.76
C ASP B 240 25.59 -18.74 15.91
N ASP B 241 26.84 -19.19 15.88
CA ASP B 241 27.98 -18.30 16.07
C ASP B 241 28.60 -17.73 14.80
N THR B 242 27.96 -17.92 13.65
CA THR B 242 28.51 -17.38 12.40
C THR B 242 28.38 -15.86 12.39
N ASP B 243 29.24 -15.20 11.63
CA ASP B 243 29.18 -13.75 11.54
C ASP B 243 27.85 -13.31 10.95
N ALA B 244 27.35 -14.10 10.00
CA ALA B 244 26.09 -13.79 9.34
C ALA B 244 24.94 -13.78 10.34
N SER B 245 24.93 -14.72 11.27
CA SER B 245 23.88 -14.79 12.28
C SER B 245 23.95 -13.63 13.26
N LYS B 246 25.17 -13.30 13.69
CA LYS B 246 25.36 -12.19 14.63
C LYS B 246 24.98 -10.86 13.99
N GLU B 247 25.37 -10.68 12.73
CA GLU B 247 25.05 -9.45 12.00
C GLU B 247 23.55 -9.35 11.78
N ALA B 248 22.92 -10.49 11.48
CA ALA B 248 21.48 -10.53 11.24
C ALA B 248 20.74 -10.12 12.52
N THR B 249 21.26 -10.57 13.67
CA THR B 249 20.64 -10.24 14.94
C THR B 249 20.68 -8.72 15.16
N LEU B 250 21.82 -8.12 14.87
CA LEU B 250 21.97 -6.68 15.03
C LEU B 250 21.07 -5.94 14.04
N ARG B 251 20.95 -6.48 12.83
CA ARG B 251 20.11 -5.87 11.80
C ARG B 251 18.64 -5.97 12.24
N ALA B 252 18.25 -7.14 12.74
CA ALA B 252 16.90 -7.37 13.20
C ALA B 252 16.52 -6.36 14.29
N MET B 253 17.44 -6.12 15.21
CA MET B 253 17.19 -5.17 16.30
C MET B 253 16.94 -3.76 15.76
N GLU B 254 17.68 -3.39 14.71
CA GLU B 254 17.52 -2.07 14.12
C GLU B 254 16.14 -1.92 13.48
N PHE B 255 15.71 -2.95 12.76
CA PHE B 255 14.42 -2.91 12.09
C PHE B 255 13.22 -2.98 13.03
N LYS B 256 13.41 -3.57 14.20
CA LYS B 256 12.32 -3.68 15.16
C LYS B 256 12.29 -2.51 16.13
N LEU B 257 13.44 -2.24 16.74
CA LEU B 257 13.56 -1.22 17.76
C LEU B 257 14.48 -0.04 17.48
N GLY B 258 15.69 -0.32 17.02
CA GLY B 258 16.64 0.74 16.75
C GLY B 258 16.14 1.92 15.92
N ARG B 259 15.34 1.64 14.90
CA ARG B 259 14.85 2.71 14.04
C ARG B 259 13.91 3.68 14.74
N PHE B 260 13.51 3.36 15.97
CA PHE B 260 12.65 4.24 16.75
C PHE B 260 13.43 4.77 17.96
N ALA B 261 14.09 3.87 18.67
CA ALA B 261 14.83 4.24 19.87
C ALA B 261 16.09 5.06 19.61
N ASN B 262 16.82 4.78 18.54
CA ASN B 262 18.03 5.56 18.29
C ASN B 262 17.68 7.03 18.03
N PRO B 263 16.68 7.31 17.19
CA PRO B 263 16.34 8.71 16.93
C PRO B 263 15.85 9.42 18.21
N ILE B 264 14.91 8.80 18.90
CA ILE B 264 14.33 9.36 20.11
C ILE B 264 15.26 9.48 21.32
N TYR B 265 16.15 8.52 21.51
CA TYR B 265 17.06 8.55 22.65
C TYR B 265 18.47 9.02 22.33
N LYS B 266 18.93 8.76 21.10
CA LYS B 266 20.29 9.14 20.71
C LYS B 266 20.39 10.29 19.72
N GLY B 267 19.40 10.45 18.85
CA GLY B 267 19.42 11.56 17.90
C GLY B 267 19.61 11.29 16.42
N GLU B 268 19.44 10.04 15.99
CA GLU B 268 19.60 9.73 14.57
C GLU B 268 19.12 8.31 14.24
N TYR B 269 18.84 8.04 12.98
CA TYR B 269 18.43 6.72 12.56
C TYR B 269 19.70 5.86 12.55
N PRO B 270 19.57 4.55 12.84
CA PRO B 270 20.73 3.66 12.84
C PRO B 270 21.26 3.47 11.41
N PRO B 271 22.55 3.11 11.27
CA PRO B 271 23.21 2.89 9.98
C PRO B 271 22.69 1.83 9.01
N ARG B 272 22.40 0.63 9.50
CA ARG B 272 21.92 -0.44 8.62
C ARG B 272 20.64 -0.11 7.88
N ILE B 273 19.62 0.33 8.61
CA ILE B 273 18.35 0.64 7.96
C ILE B 273 18.49 1.79 6.96
N LYS B 274 19.34 2.77 7.26
CA LYS B 274 19.56 3.90 6.36
C LYS B 274 20.12 3.40 5.03
N LYS B 275 21.12 2.54 5.11
CA LYS B 275 21.77 1.98 3.94
C LYS B 275 20.84 1.13 3.08
N ILE B 276 20.04 0.30 3.74
CA ILE B 276 19.12 -0.58 3.04
C ILE B 276 17.92 0.10 2.39
N LEU B 277 17.26 0.98 3.14
CA LEU B 277 16.07 1.68 2.63
C LEU B 277 16.35 2.85 1.71
N GLY B 278 17.58 3.34 1.71
CA GLY B 278 17.93 4.46 0.86
C GLY B 278 16.98 5.63 1.03
N ASP B 279 16.52 6.19 -0.10
CA ASP B 279 15.63 7.33 -0.06
C ASP B 279 14.17 7.03 0.26
N ARG B 280 13.88 5.79 0.63
CA ARG B 280 12.51 5.45 1.01
C ARG B 280 12.36 5.83 2.48
N LEU B 281 13.49 5.98 3.15
CA LEU B 281 13.54 6.38 4.56
C LEU B 281 13.79 7.89 4.57
N PRO B 282 12.80 8.68 5.02
CA PRO B 282 12.96 10.14 5.07
C PRO B 282 14.16 10.59 5.90
N GLU B 283 14.63 11.81 5.63
CA GLU B 283 15.75 12.37 6.37
C GLU B 283 15.27 13.47 7.30
N PHE B 284 15.75 13.45 8.54
CA PHE B 284 15.39 14.47 9.52
C PHE B 284 16.16 15.73 9.19
N THR B 285 15.57 16.89 9.40
CA THR B 285 16.27 18.15 9.16
C THR B 285 17.05 18.38 10.45
N PRO B 286 18.05 19.27 10.42
CA PRO B 286 18.81 19.51 11.65
C PRO B 286 17.90 19.91 12.81
N GLU B 287 16.89 20.71 12.51
CA GLU B 287 15.95 21.17 13.52
C GLU B 287 15.12 20.03 14.11
N GLU B 288 14.69 19.11 13.25
CA GLU B 288 13.89 17.97 13.71
C GLU B 288 14.71 17.03 14.59
N ILE B 289 15.98 16.84 14.23
CA ILE B 289 16.86 15.98 15.02
C ILE B 289 16.93 16.51 16.45
N GLU B 290 17.05 17.82 16.57
CA GLU B 290 17.10 18.49 17.87
C GLU B 290 15.84 18.23 18.67
N LEU B 291 14.70 18.33 17.99
CA LEU B 291 13.40 18.11 18.61
C LEU B 291 13.19 16.66 19.04
N VAL B 292 13.57 15.74 18.17
CA VAL B 292 13.42 14.31 18.41
C VAL B 292 14.40 13.74 19.44
N LYS B 293 15.66 14.14 19.38
CA LYS B 293 16.66 13.63 20.31
C LYS B 293 16.31 13.97 21.76
N GLY B 294 16.23 12.93 22.59
CA GLY B 294 15.91 13.13 24.00
C GLY B 294 14.45 13.46 24.24
N SER B 295 13.56 12.96 23.39
CA SER B 295 12.15 13.25 23.53
C SER B 295 11.31 12.22 24.28
N SER B 296 11.94 11.49 25.20
CA SER B 296 11.20 10.51 26.00
C SER B 296 11.77 10.46 27.42
N ASP B 297 10.94 10.83 28.39
CA ASP B 297 11.36 10.83 29.79
C ASP B 297 11.62 9.44 30.35
N PHE B 298 10.90 8.45 29.83
CA PHE B 298 11.08 7.07 30.28
C PHE B 298 10.92 6.14 29.11
N PHE B 299 11.51 4.95 29.22
CA PHE B 299 11.41 3.98 28.15
C PHE B 299 10.24 3.02 28.37
N GLY B 300 9.18 3.21 27.59
CA GLY B 300 8.03 2.33 27.69
C GLY B 300 8.35 1.10 26.87
N LEU B 301 8.23 -0.09 27.47
CA LEU B 301 8.52 -1.33 26.77
C LEU B 301 7.40 -2.35 26.78
N ASN B 302 7.10 -2.89 25.60
CA ASN B 302 6.12 -3.96 25.46
C ASN B 302 6.96 -5.13 24.98
N THR B 303 6.93 -6.23 25.72
CA THR B 303 7.71 -7.40 25.32
C THR B 303 6.97 -8.66 25.73
N TYR B 304 7.16 -9.73 24.96
CA TYR B 304 6.46 -10.97 25.21
C TYR B 304 7.31 -12.23 25.07
N THR B 305 8.33 -12.18 24.24
CA THR B 305 9.13 -13.38 24.02
C THR B 305 10.55 -13.11 23.55
N THR B 306 11.24 -14.19 23.16
CA THR B 306 12.60 -14.14 22.67
C THR B 306 12.62 -14.91 21.35
N HIS B 307 13.50 -14.51 20.43
CA HIS B 307 13.62 -15.18 19.13
C HIS B 307 15.07 -15.44 18.79
N LEU B 308 15.31 -16.53 18.07
CA LEU B 308 16.64 -16.89 17.59
C LEU B 308 16.66 -16.30 16.18
N VAL B 309 17.74 -15.62 15.82
CA VAL B 309 17.83 -14.97 14.52
C VAL B 309 18.82 -15.56 13.53
N GLN B 310 18.36 -15.70 12.29
CA GLN B 310 19.17 -16.21 11.19
C GLN B 310 19.16 -15.21 10.04
N ASP B 311 20.23 -15.20 9.26
CA ASP B 311 20.32 -14.32 8.10
C ASP B 311 19.55 -15.02 6.98
N GLY B 312 19.26 -14.30 5.91
CA GLY B 312 18.57 -14.91 4.78
C GLY B 312 17.07 -14.72 4.68
N GLY B 313 16.51 -13.76 5.40
CA GLY B 313 15.08 -13.52 5.34
C GLY B 313 14.75 -12.79 4.04
N SER B 314 13.52 -12.95 3.56
CA SER B 314 13.11 -12.30 2.32
C SER B 314 12.21 -11.08 2.55
N ASP B 315 11.75 -10.89 3.77
CA ASP B 315 10.87 -9.77 4.11
C ASP B 315 11.65 -8.56 4.61
N GLU B 316 11.64 -7.48 3.84
CA GLU B 316 12.35 -6.27 4.21
C GLU B 316 11.79 -5.66 5.49
N LEU B 317 10.49 -5.83 5.71
CA LEU B 317 9.85 -5.28 6.91
C LEU B 317 10.44 -5.91 8.17
N ALA B 318 11.01 -7.10 8.03
CA ALA B 318 11.61 -7.81 9.15
C ALA B 318 13.11 -7.59 9.20
N GLY B 319 13.63 -6.88 8.19
CA GLY B 319 15.06 -6.63 8.13
C GLY B 319 15.81 -7.74 7.45
N PHE B 320 15.11 -8.50 6.60
CA PHE B 320 15.72 -9.60 5.86
C PHE B 320 16.35 -10.65 6.77
N VAL B 321 15.59 -11.10 7.77
CA VAL B 321 16.07 -12.11 8.70
C VAL B 321 15.01 -13.17 8.92
N LYS B 322 15.43 -14.30 9.47
CA LYS B 322 14.52 -15.38 9.81
C LYS B 322 14.53 -15.47 11.32
N THR B 323 13.34 -15.58 11.92
CA THR B 323 13.25 -15.67 13.37
C THR B 323 12.42 -16.88 13.78
N GLY B 324 12.75 -17.44 14.93
CA GLY B 324 12.03 -18.60 15.42
C GLY B 324 12.33 -18.86 16.87
N HIS B 325 11.79 -19.95 17.39
CA HIS B 325 12.01 -20.33 18.79
C HIS B 325 12.54 -21.74 18.89
N THR B 326 13.30 -22.15 17.87
CA THR B 326 13.90 -23.48 17.84
C THR B 326 15.42 -23.37 17.74
N ARG B 327 16.11 -23.84 18.77
CA ARG B 327 17.57 -23.78 18.80
C ARG B 327 18.19 -24.64 17.71
N ALA B 328 19.49 -24.44 17.49
CA ALA B 328 20.21 -25.20 16.48
C ALA B 328 20.20 -26.69 16.79
N ASP B 329 19.99 -27.03 18.07
CA ASP B 329 19.95 -28.42 18.48
C ASP B 329 18.55 -29.01 18.37
N GLY B 330 17.56 -28.17 18.05
CA GLY B 330 16.20 -28.66 17.92
C GLY B 330 15.28 -28.40 19.10
N THR B 331 15.85 -27.99 20.22
CA THR B 331 15.06 -27.71 21.42
C THR B 331 14.30 -26.40 21.31
N GLN B 332 13.21 -26.28 22.08
CA GLN B 332 12.38 -25.08 22.08
C GLN B 332 12.82 -24.13 23.19
N LEU B 333 12.53 -22.84 23.02
CA LEU B 333 12.88 -21.86 24.02
C LEU B 333 12.03 -22.05 25.27
N GLY B 334 10.75 -22.33 25.08
CA GLY B 334 9.86 -22.52 26.22
C GLY B 334 8.45 -22.92 25.85
N THR B 335 7.58 -22.87 26.85
CA THR B 335 6.18 -23.23 26.68
C THR B 335 5.54 -22.49 25.52
N GLN B 336 4.82 -23.23 24.68
CA GLN B 336 4.14 -22.66 23.52
C GLN B 336 2.82 -22.00 23.87
N SER B 337 2.65 -20.75 23.44
CA SER B 337 1.42 -20.02 23.69
C SER B 337 0.47 -20.25 22.53
N ASP B 338 -0.69 -19.62 22.59
CA ASP B 338 -1.69 -19.76 21.53
C ASP B 338 -1.19 -19.15 20.22
N MET B 339 -0.21 -18.25 20.33
CA MET B 339 0.37 -17.63 19.13
C MET B 339 1.71 -18.30 18.87
N GLY B 340 1.86 -18.83 17.67
CA GLY B 340 3.08 -19.54 17.31
C GLY B 340 4.39 -18.84 17.62
N TRP B 341 4.47 -17.55 17.35
CA TRP B 341 5.70 -16.80 17.57
C TRP B 341 6.03 -16.53 19.04
N LEU B 342 5.06 -16.75 19.92
CA LEU B 342 5.26 -16.45 21.34
C LEU B 342 5.45 -17.65 22.26
N GLN B 343 6.66 -17.79 22.79
CA GLN B 343 6.98 -18.85 23.74
C GLN B 343 7.50 -18.22 25.03
N THR B 344 7.33 -18.93 26.14
CA THR B 344 7.77 -18.44 27.43
C THR B 344 9.30 -18.53 27.55
N TYR B 345 9.96 -17.40 27.77
CA TYR B 345 11.40 -17.39 27.95
C TYR B 345 11.83 -16.24 28.86
N GLY B 346 11.71 -16.47 30.16
CA GLY B 346 12.06 -15.45 31.14
C GLY B 346 13.45 -14.85 31.06
N PRO B 347 14.50 -15.66 30.83
CA PRO B 347 15.86 -15.11 30.74
C PRO B 347 15.99 -13.98 29.72
N GLY B 348 15.29 -14.11 28.60
CA GLY B 348 15.33 -13.09 27.57
C GLY B 348 14.82 -11.76 28.07
N PHE B 349 13.83 -11.81 28.95
CA PHE B 349 13.24 -10.59 29.52
C PHE B 349 14.31 -9.90 30.38
N ARG B 350 15.03 -10.68 31.17
CA ARG B 350 16.09 -10.13 32.00
C ARG B 350 17.16 -9.46 31.15
N TRP B 351 17.60 -10.15 30.10
CA TRP B 351 18.62 -9.61 29.23
C TRP B 351 18.16 -8.33 28.52
N LEU B 352 16.91 -8.34 28.06
CA LEU B 352 16.36 -7.17 27.37
C LEU B 352 16.29 -5.95 28.27
N LEU B 353 15.88 -6.14 29.51
CA LEU B 353 15.78 -5.02 30.45
C LEU B 353 17.14 -4.37 30.65
N ASN B 354 18.17 -5.18 30.85
CA ASN B 354 19.52 -4.65 31.04
C ASN B 354 20.01 -3.96 29.76
N TYR B 355 19.73 -4.60 28.62
CA TYR B 355 20.13 -4.06 27.33
C TYR B 355 19.55 -2.66 27.11
N LEU B 356 18.26 -2.51 27.37
CA LEU B 356 17.59 -1.22 27.18
C LEU B 356 18.07 -0.15 28.15
N TRP B 357 18.28 -0.52 29.41
CA TRP B 357 18.74 0.42 30.42
C TRP B 357 20.11 0.96 30.06
N LYS B 358 21.02 0.08 29.64
CA LYS B 358 22.37 0.50 29.28
C LYS B 358 22.43 1.20 27.94
N ALA B 359 21.62 0.76 26.99
CA ALA B 359 21.63 1.34 25.66
C ALA B 359 21.02 2.74 25.56
N TYR B 360 19.89 2.95 26.23
CA TYR B 360 19.21 4.23 26.13
C TYR B 360 19.16 5.11 27.39
N ASP B 361 19.70 4.59 28.49
CA ASP B 361 19.81 5.32 29.75
C ASP B 361 18.57 6.05 30.29
N LYS B 362 17.39 5.45 30.15
CA LYS B 362 16.17 6.04 30.68
C LYS B 362 15.42 4.97 31.48
N PRO B 363 14.78 5.37 32.59
CA PRO B 363 14.04 4.40 33.41
C PRO B 363 13.07 3.61 32.55
N VAL B 364 13.08 2.29 32.71
CA VAL B 364 12.20 1.42 31.93
C VAL B 364 10.90 1.10 32.65
N TYR B 365 9.80 1.22 31.93
CA TYR B 365 8.49 0.88 32.43
C TYR B 365 7.99 -0.18 31.46
N VAL B 366 7.75 -1.39 31.95
CA VAL B 366 7.26 -2.45 31.09
C VAL B 366 5.76 -2.23 31.00
N THR B 367 5.33 -1.57 29.92
CA THR B 367 3.93 -1.24 29.74
C THR B 367 3.03 -2.37 29.26
N GLU B 368 3.64 -3.49 28.87
CA GLU B 368 2.91 -4.67 28.44
C GLU B 368 3.77 -5.93 28.51
N ASN B 369 3.24 -6.97 29.17
CA ASN B 369 3.90 -8.27 29.26
C ASN B 369 2.80 -9.24 29.65
N GLY B 370 2.60 -10.27 28.84
CA GLY B 370 1.55 -11.23 29.11
C GLY B 370 1.67 -12.50 28.29
N PHE B 371 0.70 -13.39 28.45
CA PHE B 371 0.74 -14.68 27.77
C PHE B 371 -0.65 -15.22 27.41
N PRO B 372 -0.81 -15.71 26.17
CA PRO B 372 -2.09 -16.27 25.74
C PRO B 372 -2.03 -17.80 25.81
N VAL B 373 -2.70 -18.40 26.79
CA VAL B 373 -2.68 -19.86 26.92
C VAL B 373 -3.20 -20.52 25.64
N LYS B 374 -2.45 -21.51 25.15
CA LYS B 374 -2.83 -22.20 23.92
C LYS B 374 -4.19 -22.90 24.02
N GLY B 375 -5.07 -22.59 23.08
CA GLY B 375 -6.40 -23.19 23.03
C GLY B 375 -7.34 -22.80 24.16
N GLU B 376 -6.98 -21.80 24.95
CA GLU B 376 -7.82 -21.37 26.07
C GLU B 376 -9.24 -20.94 25.67
N ASN B 377 -9.40 -20.48 24.43
CA ASN B 377 -10.70 -20.03 23.98
C ASN B 377 -11.69 -21.19 23.88
N ASP B 378 -11.18 -22.42 23.87
CA ASP B 378 -12.03 -23.60 23.79
C ASP B 378 -12.38 -24.17 25.15
N LEU B 379 -11.84 -23.58 26.21
CA LEU B 379 -12.11 -24.06 27.57
C LEU B 379 -13.24 -23.31 28.27
N PRO B 380 -14.08 -24.03 29.02
CA PRO B 380 -15.18 -23.37 29.74
C PRO B 380 -14.54 -22.60 30.90
N VAL B 381 -15.25 -21.60 31.42
CA VAL B 381 -14.72 -20.79 32.51
C VAL B 381 -14.08 -21.60 33.65
N GLU B 382 -14.74 -22.68 34.07
CA GLU B 382 -14.22 -23.52 35.15
C GLU B 382 -12.82 -24.04 34.89
N GLN B 383 -12.51 -24.31 33.62
CA GLN B 383 -11.19 -24.81 33.25
C GLN B 383 -10.24 -23.66 32.92
N ALA B 384 -10.76 -22.62 32.29
CA ALA B 384 -9.96 -21.46 31.92
C ALA B 384 -9.28 -20.78 33.10
N VAL B 385 -9.98 -20.74 34.24
CA VAL B 385 -9.43 -20.10 35.44
C VAL B 385 -8.17 -20.79 35.96
N ASP B 386 -8.02 -22.08 35.67
CA ASP B 386 -6.82 -22.80 36.10
C ASP B 386 -5.78 -22.64 35.00
N ASP B 387 -5.41 -21.39 34.73
CA ASP B 387 -4.45 -21.08 33.68
C ASP B 387 -2.99 -21.28 34.05
N THR B 388 -2.65 -22.55 34.29
CA THR B 388 -1.31 -22.96 34.68
C THR B 388 -0.18 -22.33 33.86
N ASP B 389 -0.27 -22.39 32.53
CA ASP B 389 0.78 -21.84 31.69
C ASP B 389 0.96 -20.32 31.83
N ARG B 390 -0.14 -19.60 32.06
CA ARG B 390 -0.04 -18.16 32.21
C ARG B 390 0.60 -17.83 33.55
N GLN B 391 0.27 -18.62 34.57
CA GLN B 391 0.85 -18.41 35.89
C GLN B 391 2.36 -18.67 35.82
N ALA B 392 2.74 -19.73 35.10
CA ALA B 392 4.14 -20.08 34.96
C ALA B 392 4.90 -18.97 34.22
N TYR B 393 4.24 -18.39 33.22
CA TYR B 393 4.85 -17.31 32.44
C TYR B 393 5.16 -16.14 33.37
N TYR B 394 4.15 -15.70 34.13
CA TYR B 394 4.35 -14.59 35.04
C TYR B 394 5.35 -14.91 36.13
N ARG B 395 5.42 -16.17 36.51
CA ARG B 395 6.38 -16.61 37.52
C ARG B 395 7.78 -16.39 36.97
N ASP B 396 8.02 -16.84 35.74
CA ASP B 396 9.32 -16.69 35.10
C ASP B 396 9.69 -15.24 34.80
N TYR B 397 8.73 -14.47 34.30
CA TYR B 397 9.02 -13.08 33.96
C TYR B 397 9.16 -12.15 35.16
N THR B 398 8.37 -12.36 36.22
CA THR B 398 8.53 -11.51 37.40
C THR B 398 9.87 -11.84 38.06
N GLU B 399 10.28 -13.10 37.97
CA GLU B 399 11.56 -13.50 38.54
C GLU B 399 12.67 -12.76 37.78
N ALA B 400 12.55 -12.72 36.45
CA ALA B 400 13.53 -12.04 35.61
C ALA B 400 13.56 -10.54 35.95
N LEU B 401 12.38 -9.98 36.19
CA LEU B 401 12.27 -8.56 36.55
C LEU B 401 13.02 -8.30 37.84
N LEU B 402 12.78 -9.15 38.83
CA LEU B 402 13.42 -9.01 40.13
C LEU B 402 14.94 -9.09 40.03
N GLN B 403 15.43 -10.03 39.21
CA GLN B 403 16.87 -10.19 39.03
C GLN B 403 17.48 -8.99 38.34
N ALA B 404 16.84 -8.54 37.26
CA ALA B 404 17.34 -7.40 36.51
C ALA B 404 17.51 -6.16 37.40
N VAL B 405 16.51 -5.91 38.25
CA VAL B 405 16.54 -4.76 39.13
C VAL B 405 17.43 -4.91 40.37
N THR B 406 17.18 -5.96 41.16
CA THR B 406 17.95 -6.17 42.39
C THR B 406 19.33 -6.78 42.25
N GLU B 407 19.57 -7.52 41.17
CA GLU B 407 20.87 -8.15 40.97
C GLU B 407 21.73 -7.48 39.90
N ASP B 408 21.11 -7.07 38.80
CA ASP B 408 21.86 -6.44 37.71
C ASP B 408 21.86 -4.93 37.78
N GLY B 409 20.99 -4.36 38.61
CA GLY B 409 20.94 -2.91 38.74
C GLY B 409 20.22 -2.16 37.64
N ALA B 410 19.41 -2.85 36.86
CA ALA B 410 18.67 -2.21 35.78
C ALA B 410 17.62 -1.27 36.38
N ASP B 411 17.52 -0.07 35.85
CA ASP B 411 16.55 0.90 36.36
C ASP B 411 15.18 0.66 35.73
N VAL B 412 14.39 -0.22 36.36
CA VAL B 412 13.04 -0.54 35.90
C VAL B 412 12.11 -0.04 36.99
N ARG B 413 11.12 0.76 36.62
CA ARG B 413 10.22 1.34 37.63
C ARG B 413 8.75 0.95 37.55
N GLY B 414 8.37 0.15 36.56
CA GLY B 414 6.98 -0.24 36.46
C GLY B 414 6.80 -1.51 35.67
N TYR B 415 5.70 -2.22 35.93
CA TYR B 415 5.38 -3.46 35.24
C TYR B 415 3.87 -3.58 35.12
N PHE B 416 3.39 -3.71 33.89
CA PHE B 416 1.96 -3.83 33.61
C PHE B 416 1.67 -5.12 32.86
N GLY B 417 0.82 -5.96 33.45
CA GLY B 417 0.48 -7.20 32.80
C GLY B 417 -0.54 -6.98 31.69
N TRP B 418 -0.37 -7.72 30.61
CA TRP B 418 -1.29 -7.63 29.48
C TRP B 418 -2.00 -8.99 29.40
N SER B 419 -3.30 -9.01 29.66
CA SER B 419 -4.08 -7.81 29.99
C SER B 419 -5.03 -8.09 31.16
N LEU B 420 -5.75 -7.06 31.59
CA LEU B 420 -6.69 -7.18 32.69
C LEU B 420 -7.78 -8.20 32.38
N LEU B 421 -8.33 -8.08 31.17
CA LEU B 421 -9.42 -8.95 30.73
C LEU B 421 -9.17 -9.58 29.38
N ASP B 422 -9.83 -10.71 29.11
CA ASP B 422 -9.72 -11.32 27.80
C ASP B 422 -10.42 -10.27 26.96
N ASN B 423 -9.92 -9.99 25.77
CA ASN B 423 -10.56 -8.97 24.95
C ASN B 423 -10.32 -9.16 23.45
N PHE B 424 -10.70 -8.15 22.66
CA PHE B 424 -10.54 -8.19 21.22
C PHE B 424 -9.07 -8.14 20.86
N GLU B 425 -8.58 -9.17 20.19
CA GLU B 425 -7.17 -9.24 19.81
C GLU B 425 -6.89 -8.88 18.35
N TRP B 426 -7.37 -7.70 17.96
CA TRP B 426 -7.14 -7.20 16.62
C TRP B 426 -7.46 -8.21 15.49
N ALA B 427 -6.51 -8.48 14.62
CA ALA B 427 -6.75 -9.40 13.51
C ALA B 427 -7.06 -10.84 13.93
N GLU B 428 -6.76 -11.17 15.19
CA GLU B 428 -7.03 -12.51 15.70
C GLU B 428 -8.43 -12.60 16.29
N GLY B 429 -9.11 -11.46 16.40
CA GLY B 429 -10.45 -11.45 16.95
C GLY B 429 -10.45 -11.83 18.43
N TYR B 430 -11.47 -12.57 18.84
CA TYR B 430 -11.58 -12.99 20.24
C TYR B 430 -11.02 -14.37 20.51
N LYS B 431 -10.40 -14.98 19.50
CA LYS B 431 -9.84 -16.32 19.61
C LYS B 431 -8.64 -16.40 20.57
N VAL B 432 -7.86 -15.33 20.66
CA VAL B 432 -6.69 -15.32 21.53
C VAL B 432 -7.04 -14.68 22.88
N ARG B 433 -6.76 -15.39 23.97
CA ARG B 433 -7.07 -14.94 25.32
C ARG B 433 -5.83 -14.52 26.11
N PHE B 434 -5.73 -13.23 26.42
CA PHE B 434 -4.59 -12.67 27.15
C PHE B 434 -4.90 -12.24 28.59
N GLY B 435 -6.17 -12.30 28.97
CA GLY B 435 -6.52 -11.85 30.31
C GLY B 435 -6.14 -12.67 31.52
N VAL B 436 -6.05 -12.00 32.66
CA VAL B 436 -5.79 -12.69 33.92
C VAL B 436 -7.18 -12.83 34.51
N THR B 437 -8.15 -12.29 33.78
CA THR B 437 -9.56 -12.33 34.15
C THR B 437 -10.33 -12.90 32.97
N HIS B 438 -11.09 -13.97 33.19
CA HIS B 438 -11.87 -14.57 32.13
C HIS B 438 -13.13 -13.74 31.89
N VAL B 439 -13.53 -13.63 30.63
CA VAL B 439 -14.74 -12.90 30.30
C VAL B 439 -15.65 -13.78 29.43
N ASP B 440 -16.90 -13.90 29.84
CA ASP B 440 -17.87 -14.65 29.08
C ASP B 440 -18.51 -13.59 28.20
N TYR B 441 -18.28 -13.67 26.90
CA TYR B 441 -18.81 -12.67 25.98
C TYR B 441 -20.33 -12.70 25.78
N GLU B 442 -20.99 -13.65 26.42
CA GLU B 442 -22.44 -13.77 26.31
C GLU B 442 -23.13 -13.08 27.49
N THR B 443 -22.43 -12.99 28.61
CA THR B 443 -22.98 -12.38 29.81
C THR B 443 -22.11 -11.22 30.30
N GLN B 444 -20.90 -11.12 29.76
CA GLN B 444 -19.95 -10.09 30.14
C GLN B 444 -19.45 -10.31 31.56
N LYS B 445 -19.72 -11.49 32.12
CA LYS B 445 -19.28 -11.79 33.47
C LYS B 445 -17.77 -11.94 33.56
N ARG B 446 -17.18 -11.32 34.58
CA ARG B 446 -15.74 -11.37 34.81
C ARG B 446 -15.46 -12.43 35.88
N THR B 447 -14.48 -13.29 35.61
CA THR B 447 -14.09 -14.33 36.57
C THR B 447 -12.58 -14.36 36.64
N PRO B 448 -12.01 -13.93 37.78
CA PRO B 448 -10.55 -13.92 37.94
C PRO B 448 -9.92 -15.30 37.73
N LYS B 449 -8.83 -15.34 36.97
CA LYS B 449 -8.11 -16.59 36.74
C LYS B 449 -7.07 -16.65 37.85
N LYS B 450 -6.51 -17.84 38.08
CA LYS B 450 -5.51 -17.98 39.14
C LYS B 450 -4.27 -17.10 38.95
N SER B 451 -3.95 -16.77 37.70
CA SER B 451 -2.80 -15.93 37.43
C SER B 451 -2.94 -14.54 38.08
N ALA B 452 -4.17 -14.08 38.23
CA ALA B 452 -4.43 -12.78 38.84
C ALA B 452 -4.01 -12.81 40.30
N GLU B 453 -4.33 -13.90 40.98
CA GLU B 453 -3.98 -14.06 42.39
C GLU B 453 -2.45 -14.14 42.52
N PHE B 454 -1.81 -14.84 41.59
CA PHE B 454 -0.36 -14.96 41.62
C PHE B 454 0.32 -13.59 41.56
N LEU B 455 -0.06 -12.78 40.57
CA LEU B 455 0.55 -11.46 40.40
C LEU B 455 0.28 -10.55 41.59
N SER B 456 -0.94 -10.55 42.11
CA SER B 456 -1.27 -9.70 43.25
C SER B 456 -0.38 -10.08 44.42
N ARG B 457 -0.26 -11.39 44.66
CA ARG B 457 0.56 -11.88 45.76
C ARG B 457 2.05 -11.65 45.54
N TRP B 458 2.52 -11.85 44.30
CA TRP B 458 3.94 -11.66 44.03
C TRP B 458 4.39 -10.21 44.25
N PHE B 459 3.66 -9.25 43.69
CA PHE B 459 4.04 -7.87 43.85
C PHE B 459 3.88 -7.37 45.28
N LYS B 460 2.89 -7.89 45.99
CA LYS B 460 2.68 -7.49 47.38
C LYS B 460 3.89 -7.94 48.21
N GLU B 461 4.40 -9.12 47.88
CA GLU B 461 5.54 -9.68 48.61
C GLU B 461 6.91 -9.26 48.08
N HIS B 462 6.96 -8.65 46.89
CA HIS B 462 8.25 -8.27 46.33
C HIS B 462 8.50 -6.79 46.09
N ILE B 463 7.64 -5.95 46.65
CA ILE B 463 7.80 -4.50 46.55
C ILE B 463 7.98 -4.01 47.98
N GLU B 464 9.05 -3.27 48.25
CA GLU B 464 9.33 -2.76 49.58
C GLU B 464 8.08 -2.16 50.21
N GLU B 465 7.84 -2.51 51.48
CA GLU B 465 6.67 -2.02 52.20
C GLU B 465 6.92 -0.64 52.78
#